data_3Q11
#
_entry.id   3Q11
#
_cell.length_a   60.014
_cell.length_b   98.702
_cell.length_c   64.528
_cell.angle_alpha   90.00
_cell.angle_beta   100.79
_cell.angle_gamma   90.00
#
_symmetry.space_group_name_H-M   'P 1 21 1'
#
loop_
_entity.id
_entity.type
_entity.pdbx_description
1 polymer 'Aspartate-semialdehyde dehydrogenase'
2 non-polymer 'NADP NICOTINAMIDE-ADENINE-DINUCLEOTIDE PHOSPHATE'
3 non-polymer 5,5-difluoro-4-oxo-5-phosphono-D-norvaline
4 non-polymer 'SODIUM ION'
5 non-polymer 1,2-ETHANEDIOL
6 water water
#
_entity_poly.entity_id   1
_entity_poly.type   'polypeptide(L)'
_entity_poly.pdbx_seq_one_letter_code
;MGYTVAVVGATGAVGAQMIKMLEESTLPIDKIRYLASARSAGKSLKFKDQDITIEETTETAFEGVDIALFSAGSSTSAKY
APYAVKAGVVVVDNTSYFRQNPDVPLVVPEVNAHALDAHNGIIACPNCSTIQMMVALEPVRQKWGLDRIIVSTYQAVSGA
GMGAILETQRELREVLNDGVKPCDLHAEILPSGGDKKHYPIAFNALPQIDVFTDNDYTYEEMKMTKETKKIMEDDSIAVS
ATCVRIPVLSAHSESVYIETKEVAPIEEVKAAIAAFPGAVLEDDVAHQIYPQAINAVGSRDTFVGRIRKDLDAEKGIHMW
VVSDNLLKGAAWNSVQIAETLHERGLVRPTAELKFELKLEHHHHHH
;
_entity_poly.pdbx_strand_id   A,B
#
# COMPACT_ATOMS: atom_id res chain seq x y z
N GLY A 2 34.34 19.42 -23.13
CA GLY A 2 33.20 19.06 -22.23
C GLY A 2 31.88 19.65 -22.69
N TYR A 3 30.84 19.41 -21.88
CA TYR A 3 29.48 19.81 -22.25
C TYR A 3 28.97 21.04 -21.51
N THR A 4 28.13 21.81 -22.18
CA THR A 4 27.25 22.77 -21.52
C THR A 4 25.95 22.04 -21.24
N VAL A 5 25.60 21.95 -19.96
CA VAL A 5 24.43 21.20 -19.53
C VAL A 5 23.43 22.15 -18.86
N ALA A 6 22.18 22.07 -19.30
CA ALA A 6 21.11 22.86 -18.72
C ALA A 6 20.14 21.98 -17.93
N VAL A 7 19.74 22.46 -16.76
CA VAL A 7 18.75 21.78 -15.95
C VAL A 7 17.48 22.65 -15.93
N VAL A 8 16.43 22.19 -16.60
CA VAL A 8 15.14 22.92 -16.63
C VAL A 8 14.22 22.41 -15.51
N GLY A 9 13.82 23.32 -14.63
CA GLY A 9 13.12 22.96 -13.40
C GLY A 9 14.13 22.66 -12.29
N ALA A 10 15.22 23.41 -12.26
CA ALA A 10 16.33 23.20 -11.33
C ALA A 10 15.95 23.39 -9.86
N THR A 11 14.85 24.10 -9.61
CA THR A 11 14.40 24.46 -8.26
C THR A 11 13.45 23.47 -7.60
N GLY A 12 12.85 22.57 -8.38
CA GLY A 12 11.87 21.62 -7.84
C GLY A 12 12.49 20.42 -7.15
N ALA A 13 11.64 19.48 -6.72
CA ALA A 13 12.09 18.28 -6.01
C ALA A 13 12.99 17.37 -6.87
N VAL A 14 12.61 17.16 -8.13
CA VAL A 14 13.45 16.38 -9.05
C VAL A 14 14.70 17.18 -9.43
N GLY A 15 14.50 18.47 -9.71
CA GLY A 15 15.59 19.38 -10.07
C GLY A 15 16.74 19.37 -9.08
N ALA A 16 16.41 19.42 -7.79
CA ALA A 16 17.41 19.36 -6.72
C ALA A 16 18.23 18.06 -6.78
N GLN A 17 17.58 16.96 -7.13
CA GLN A 17 18.26 15.68 -7.28
C GLN A 17 19.03 15.58 -8.60
N MET A 18 18.50 16.22 -9.65
CA MET A 18 19.24 16.33 -10.90
C MET A 18 20.58 17.02 -10.68
N ILE A 19 20.56 18.08 -9.87
CA ILE A 19 21.78 18.79 -9.47
C ILE A 19 22.76 17.86 -8.75
N LYS A 20 22.26 17.12 -7.76
CA LYS A 20 23.09 16.17 -6.99
C LYS A 20 23.69 15.06 -7.86
N MET A 21 22.88 14.49 -8.75
CA MET A 21 23.33 13.41 -9.63
C MET A 21 24.34 13.93 -10.66
N LEU A 22 24.15 15.17 -11.12
CA LEU A 22 25.13 15.82 -11.98
C LEU A 22 26.46 16.10 -11.28
N GLU A 23 26.38 16.58 -10.03
CA GLU A 23 27.56 16.82 -9.19
C GLU A 23 28.37 15.53 -8.99
N GLU A 24 27.67 14.39 -8.97
CA GLU A 24 28.30 13.10 -8.73
C GLU A 24 28.51 12.29 -10.01
N SER A 25 28.25 12.94 -11.14
CA SER A 25 28.35 12.29 -12.45
C SER A 25 29.78 12.30 -12.99
N THR A 26 30.04 11.38 -13.91
CA THR A 26 31.29 11.32 -14.65
C THR A 26 31.30 12.26 -15.87
N LEU A 27 30.12 12.74 -16.27
CA LEU A 27 29.97 13.64 -17.42
C LEU A 27 30.97 14.80 -17.40
N PRO A 28 31.67 15.04 -18.52
CA PRO A 28 32.55 16.20 -18.55
C PRO A 28 31.73 17.47 -18.75
N ILE A 29 31.51 18.22 -17.66
CA ILE A 29 30.69 19.42 -17.72
C ILE A 29 31.59 20.66 -17.65
N ASP A 30 31.61 21.45 -18.73
CA ASP A 30 32.36 22.71 -18.79
C ASP A 30 31.55 23.87 -18.20
N LYS A 31 30.23 23.80 -18.35
CA LYS A 31 29.34 24.88 -17.96
C LYS A 31 27.97 24.32 -17.60
N ILE A 32 27.41 24.82 -16.50
CA ILE A 32 26.06 24.42 -16.11
C ILE A 32 25.13 25.63 -16.04
N ARG A 33 23.89 25.43 -16.47
CA ARG A 33 22.88 26.47 -16.43
C ARG A 33 21.63 25.95 -15.75
N TYR A 34 21.08 26.76 -14.86
CA TYR A 34 19.84 26.43 -14.15
C TYR A 34 18.70 27.28 -14.68
N LEU A 35 17.68 26.59 -15.18
CA LEU A 35 16.51 27.25 -15.75
C LEU A 35 15.28 26.88 -14.95
N ALA A 36 14.39 27.86 -14.77
CA ALA A 36 13.11 27.62 -14.11
C ALA A 36 12.08 28.60 -14.65
N SER A 37 11.08 28.93 -13.84
CA SER A 37 10.05 29.88 -14.26
C SER A 37 10.46 31.30 -13.91
N ALA A 38 9.61 32.26 -14.25
CA ALA A 38 9.79 33.65 -13.85
C ALA A 38 9.88 33.80 -12.33
N ARG A 39 9.22 32.90 -11.59
CA ARG A 39 9.19 32.97 -10.13
C ARG A 39 10.58 32.84 -9.50
N SER A 40 11.41 31.97 -10.06
CA SER A 40 12.75 31.71 -9.54
C SER A 40 13.87 32.47 -10.27
N ALA A 41 13.58 33.01 -11.45
CA ALA A 41 14.59 33.73 -12.22
C ALA A 41 15.20 34.86 -11.42
N GLY A 42 16.53 34.92 -11.39
CA GLY A 42 17.25 35.94 -10.63
C GLY A 42 17.86 35.41 -9.34
N LYS A 43 17.27 34.36 -8.80
CA LYS A 43 17.77 33.73 -7.58
C LYS A 43 19.05 32.92 -7.86
N SER A 44 19.71 32.48 -6.78
CA SER A 44 20.99 31.79 -6.88
C SER A 44 20.92 30.39 -6.27
N LEU A 45 21.60 29.45 -6.94
CA LEU A 45 21.62 28.05 -6.52
C LEU A 45 23.01 27.47 -6.78
N LYS A 46 23.45 26.57 -5.90
CA LYS A 46 24.80 26.01 -5.97
C LYS A 46 24.95 24.90 -7.02
N PHE A 47 26.11 24.89 -7.68
CA PHE A 47 26.64 23.67 -8.29
C PHE A 47 28.03 23.42 -7.72
N LYS A 48 28.11 22.39 -6.88
CA LYS A 48 29.29 22.14 -6.04
C LYS A 48 29.54 23.39 -5.20
N ASP A 49 30.59 24.16 -5.52
CA ASP A 49 30.91 25.36 -4.76
C ASP A 49 30.57 26.65 -5.52
N GLN A 50 30.20 26.51 -6.78
CA GLN A 50 29.89 27.65 -7.65
C GLN A 50 28.47 28.17 -7.45
N ASP A 51 28.30 29.48 -7.57
CA ASP A 51 26.98 30.12 -7.52
C ASP A 51 26.41 30.24 -8.93
N ILE A 52 25.26 29.63 -9.16
CA ILE A 52 24.61 29.66 -10.48
C ILE A 52 23.31 30.48 -10.42
N THR A 53 23.23 31.49 -11.29
CA THR A 53 22.03 32.34 -11.36
C THR A 53 20.94 31.66 -12.18
N ILE A 54 19.76 31.52 -11.58
CA ILE A 54 18.62 30.88 -12.22
C ILE A 54 18.01 31.77 -13.30
N GLU A 55 17.76 31.19 -14.48
CA GLU A 55 17.22 31.93 -15.62
C GLU A 55 15.79 31.48 -15.93
N GLU A 56 14.98 32.41 -16.42
CA GLU A 56 13.65 32.05 -16.92
C GLU A 56 13.81 31.23 -18.21
N THR A 57 13.08 30.12 -18.29
CA THR A 57 13.09 29.26 -19.45
C THR A 57 12.34 29.93 -20.60
N THR A 58 13.02 30.11 -21.73
CA THR A 58 12.45 30.74 -22.91
C THR A 58 12.80 29.96 -24.17
N GLU A 59 12.13 30.29 -25.28
CA GLU A 59 12.43 29.68 -26.59
C GLU A 59 13.86 29.92 -27.05
N THR A 60 14.47 31.00 -26.56
CA THR A 60 15.81 31.41 -27.01
C THR A 60 16.94 31.11 -26.01
N ALA A 61 16.61 30.40 -24.93
CA ALA A 61 17.56 30.18 -23.83
C ALA A 61 18.53 29.02 -24.04
N PHE A 62 18.41 28.31 -25.16
CA PHE A 62 19.14 27.04 -25.31
C PHE A 62 20.33 27.08 -26.26
N GLU A 63 20.72 28.28 -26.69
CA GLU A 63 21.86 28.43 -27.59
C GLU A 63 23.14 28.05 -26.85
N GLY A 64 23.94 27.20 -27.49
CA GLY A 64 25.20 26.74 -26.91
C GLY A 64 25.06 25.56 -25.95
N VAL A 65 23.85 25.08 -25.75
CA VAL A 65 23.60 23.97 -24.83
C VAL A 65 23.72 22.61 -25.55
N ASP A 66 24.52 21.72 -24.99
CA ASP A 66 24.70 20.36 -25.52
C ASP A 66 23.62 19.40 -25.02
N ILE A 67 23.36 19.46 -23.72
CA ILE A 67 22.43 18.56 -23.03
C ILE A 67 21.50 19.37 -22.12
N ALA A 68 20.20 19.15 -22.24
CA ALA A 68 19.23 19.75 -21.32
C ALA A 68 18.39 18.65 -20.67
N LEU A 69 18.35 18.67 -19.34
CA LEU A 69 17.48 17.76 -18.60
C LEU A 69 16.26 18.55 -18.16
N PHE A 70 15.08 18.07 -18.58
CA PHE A 70 13.83 18.77 -18.29
C PHE A 70 13.07 18.08 -17.17
N SER A 71 12.70 18.84 -16.15
CA SER A 71 11.80 18.34 -15.11
C SER A 71 10.98 19.49 -14.54
N ALA A 72 10.15 20.09 -15.39
CA ALA A 72 9.38 21.27 -15.01
C ALA A 72 7.91 21.15 -15.40
N GLY A 73 7.43 19.91 -15.49
CA GLY A 73 6.05 19.64 -15.90
C GLY A 73 5.91 19.50 -17.40
N SER A 74 4.90 18.73 -17.82
CA SER A 74 4.62 18.48 -19.25
C SER A 74 4.49 19.76 -20.07
N SER A 75 3.86 20.77 -19.49
CA SER A 75 3.65 22.05 -20.16
C SER A 75 4.95 22.72 -20.61
N THR A 76 5.92 22.79 -19.69
CA THR A 76 7.22 23.39 -19.98
C THR A 76 7.97 22.63 -21.07
N SER A 77 7.94 21.30 -21.02
CA SER A 77 8.62 20.48 -22.04
C SER A 77 7.97 20.65 -23.41
N ALA A 78 6.64 20.69 -23.42
CA ALA A 78 5.87 20.89 -24.66
C ALA A 78 6.22 22.20 -25.33
N LYS A 79 6.37 23.25 -24.52
CA LYS A 79 6.63 24.59 -25.04
C LYS A 79 8.07 24.77 -25.48
N TYR A 80 9.01 24.22 -24.71
CA TYR A 80 10.42 24.59 -24.86
C TYR A 80 11.38 23.51 -25.36
N ALA A 81 11.08 22.23 -25.10
CA ALA A 81 11.94 21.15 -25.59
C ALA A 81 12.14 21.14 -27.12
N PRO A 82 11.05 21.38 -27.91
CA PRO A 82 11.25 21.46 -29.36
C PRO A 82 12.20 22.59 -29.79
N TYR A 83 12.15 23.73 -29.09
CA TYR A 83 13.07 24.84 -29.36
C TYR A 83 14.52 24.50 -29.00
N ALA A 84 14.69 23.73 -27.93
CA ALA A 84 16.01 23.23 -27.56
C ALA A 84 16.57 22.30 -28.64
N VAL A 85 15.75 21.38 -29.14
CA VAL A 85 16.15 20.47 -30.22
C VAL A 85 16.57 21.27 -31.47
N LYS A 86 15.77 22.28 -31.82
CA LYS A 86 16.07 23.18 -32.94
C LYS A 86 17.41 23.93 -32.74
N ALA A 87 17.71 24.29 -31.49
CA ALA A 87 19.00 24.90 -31.14
C ALA A 87 20.19 23.91 -31.22
N GLY A 88 19.90 22.61 -31.19
CA GLY A 88 20.93 21.58 -31.35
C GLY A 88 21.19 20.80 -30.07
N VAL A 89 20.29 20.92 -29.11
CA VAL A 89 20.40 20.25 -27.81
C VAL A 89 19.96 18.78 -27.96
N VAL A 90 20.44 17.93 -27.05
CA VAL A 90 19.80 16.63 -26.82
C VAL A 90 19.06 16.75 -25.49
N VAL A 91 17.75 16.54 -25.53
CA VAL A 91 16.90 16.69 -24.35
C VAL A 91 16.63 15.34 -23.71
N VAL A 92 16.87 15.25 -22.41
CA VAL A 92 16.39 14.13 -21.62
C VAL A 92 15.19 14.65 -20.82
N ASP A 93 14.00 14.15 -21.13
CA ASP A 93 12.75 14.72 -20.62
C ASP A 93 12.10 13.84 -19.55
N ASN A 94 11.95 14.37 -18.35
CA ASN A 94 11.33 13.62 -17.25
C ASN A 94 9.79 13.57 -17.29
N THR A 95 9.18 14.30 -18.20
CA THR A 95 7.72 14.39 -18.25
C THR A 95 7.08 13.29 -19.09
N SER A 96 5.76 13.20 -19.02
CA SER A 96 4.99 12.23 -19.81
C SER A 96 4.68 12.71 -21.22
N TYR A 97 5.02 13.96 -21.52
CA TYR A 97 4.54 14.58 -22.74
C TYR A 97 4.93 13.86 -24.03
N PHE A 98 6.21 13.49 -24.16
CA PHE A 98 6.73 12.87 -25.37
C PHE A 98 6.86 11.33 -25.30
N ARG A 99 6.48 10.74 -24.18
CA ARG A 99 6.77 9.32 -23.93
C ARG A 99 6.21 8.34 -24.95
N GLN A 100 5.01 8.62 -25.46
CA GLN A 100 4.37 7.70 -26.40
C GLN A 100 4.50 8.14 -27.86
N ASN A 101 5.35 9.13 -28.10
CA ASN A 101 5.72 9.55 -29.45
C ASN A 101 6.72 8.55 -30.06
N PRO A 102 6.38 7.97 -31.23
CA PRO A 102 7.22 6.94 -31.86
C PRO A 102 8.61 7.43 -32.31
N ASP A 103 8.79 8.74 -32.38
CA ASP A 103 10.08 9.35 -32.69
C ASP A 103 10.94 9.56 -31.43
N VAL A 104 10.40 9.17 -30.28
CA VAL A 104 11.04 9.41 -28.98
C VAL A 104 11.33 8.08 -28.26
N PRO A 105 12.62 7.78 -28.02
CA PRO A 105 12.95 6.62 -27.19
C PRO A 105 12.51 6.82 -25.73
N LEU A 106 11.91 5.78 -25.16
CA LEU A 106 11.49 5.81 -23.76
C LEU A 106 12.38 4.82 -22.98
N VAL A 107 13.35 5.36 -22.25
CA VAL A 107 14.54 4.57 -21.88
C VAL A 107 14.78 4.37 -20.39
N VAL A 108 14.96 3.10 -20.03
CA VAL A 108 15.62 2.69 -18.79
C VAL A 108 16.91 2.04 -19.30
N PRO A 109 18.08 2.66 -19.05
CA PRO A 109 19.35 2.22 -19.69
C PRO A 109 19.73 0.74 -19.51
N GLU A 110 19.38 0.15 -18.37
CA GLU A 110 19.63 -1.29 -18.14
C GLU A 110 18.76 -2.20 -19.02
N VAL A 111 17.66 -1.65 -19.51
CA VAL A 111 16.65 -2.45 -20.22
C VAL A 111 16.74 -2.25 -21.74
N ASN A 112 16.75 -0.99 -22.18
CA ASN A 112 16.64 -0.68 -23.60
C ASN A 112 17.54 0.47 -24.08
N ALA A 113 18.78 0.48 -23.61
CA ALA A 113 19.79 1.43 -24.08
C ALA A 113 19.89 1.46 -25.61
N HIS A 114 19.65 0.32 -26.26
CA HIS A 114 19.67 0.21 -27.72
C HIS A 114 18.77 1.24 -28.43
N ALA A 115 17.66 1.59 -27.78
CA ALA A 115 16.70 2.54 -28.32
C ALA A 115 17.26 3.95 -28.49
N LEU A 116 18.30 4.27 -27.71
CA LEU A 116 18.92 5.61 -27.74
C LEU A 116 19.56 5.96 -29.09
N ASP A 117 20.11 4.96 -29.78
CA ASP A 117 20.88 5.16 -31.02
C ASP A 117 20.12 5.95 -32.09
N ALA A 118 18.81 5.72 -32.19
CA ALA A 118 17.98 6.37 -33.21
C ALA A 118 17.22 7.60 -32.70
N HIS A 119 17.66 8.19 -31.59
CA HIS A 119 16.97 9.36 -31.04
C HIS A 119 16.96 10.54 -32.02
N ASN A 120 15.94 11.39 -31.87
CA ASN A 120 15.78 12.56 -32.72
C ASN A 120 15.86 13.85 -31.91
N GLY A 121 16.62 13.82 -30.82
CA GLY A 121 16.85 15.01 -30.00
C GLY A 121 16.18 15.00 -28.63
N ILE A 122 15.22 14.11 -28.44
CA ILE A 122 14.53 13.95 -27.16
C ILE A 122 14.52 12.49 -26.72
N ILE A 123 15.01 12.24 -25.52
CA ILE A 123 14.85 10.96 -24.87
C ILE A 123 13.91 11.15 -23.67
N ALA A 124 12.88 10.34 -23.59
CA ALA A 124 11.93 10.43 -22.47
C ALA A 124 12.31 9.49 -21.34
N CYS A 125 12.42 10.04 -20.15
CA CYS A 125 12.54 9.28 -18.92
C CYS A 125 11.15 8.75 -18.60
N PRO A 126 11.02 7.43 -18.34
CA PRO A 126 9.67 6.93 -18.05
C PRO A 126 9.13 7.35 -16.70
N ASN A 127 7.86 7.04 -16.47
CA ASN A 127 7.19 7.24 -15.19
C ASN A 127 7.98 6.58 -14.05
N CYS A 128 8.06 7.25 -12.91
CA CYS A 128 8.88 6.79 -11.78
C CYS A 128 8.54 5.39 -11.27
N SER A 129 7.24 5.10 -11.18
CA SER A 129 6.79 3.79 -10.72
C SER A 129 7.06 2.71 -11.76
N THR A 130 7.00 3.08 -13.04
CA THR A 130 7.28 2.15 -14.13
C THR A 130 8.75 1.76 -14.17
N ILE A 131 9.63 2.76 -14.04
CA ILE A 131 11.08 2.55 -14.09
C ILE A 131 11.53 1.43 -13.16
N GLN A 132 11.25 1.56 -11.86
CA GLN A 132 11.72 0.55 -10.90
C GLN A 132 11.17 -0.86 -11.18
N MET A 133 9.93 -0.93 -11.66
CA MET A 133 9.30 -2.21 -12.02
C MET A 133 10.00 -2.85 -13.23
N MET A 134 10.48 -2.01 -14.15
CA MET A 134 11.21 -2.51 -15.32
C MET A 134 12.56 -3.11 -14.97
N VAL A 135 13.26 -2.47 -14.02
CA VAL A 135 14.54 -2.98 -13.54
C VAL A 135 14.38 -4.35 -12.88
N ALA A 136 13.34 -4.49 -12.05
CA ALA A 136 13.07 -5.75 -11.36
C ALA A 136 12.67 -6.89 -12.32
N LEU A 137 11.83 -6.57 -13.29
CA LEU A 137 11.20 -7.59 -14.13
C LEU A 137 11.94 -7.98 -15.40
N GLU A 138 12.77 -7.08 -15.93
CA GLU A 138 13.49 -7.36 -17.17
C GLU A 138 14.39 -8.62 -17.11
N PRO A 139 15.15 -8.81 -16.01
CA PRO A 139 15.94 -10.05 -15.90
C PRO A 139 15.06 -11.31 -15.84
N VAL A 140 13.84 -11.16 -15.33
CA VAL A 140 12.89 -12.28 -15.30
C VAL A 140 12.36 -12.56 -16.71
N ARG A 141 11.98 -11.50 -17.44
CA ARG A 141 11.47 -11.62 -18.80
C ARG A 141 12.47 -12.24 -19.77
N GLN A 142 13.74 -11.85 -19.63
CA GLN A 142 14.83 -12.35 -20.47
C GLN A 142 14.93 -13.87 -20.46
N LYS A 143 14.66 -14.46 -19.30
CA LYS A 143 14.87 -15.89 -19.08
C LYS A 143 13.61 -16.76 -19.17
N TRP A 144 12.48 -16.21 -18.70
CA TRP A 144 11.24 -17.00 -18.61
C TRP A 144 10.03 -16.34 -19.28
N GLY A 145 10.21 -15.13 -19.80
CA GLY A 145 9.13 -14.38 -20.43
C GLY A 145 8.18 -13.76 -19.43
N LEU A 146 7.32 -12.87 -19.91
CA LEU A 146 6.29 -12.23 -19.09
C LEU A 146 4.96 -12.24 -19.83
N ASP A 147 3.94 -12.82 -19.19
CA ASP A 147 2.60 -12.87 -19.77
C ASP A 147 1.71 -11.74 -19.23
N ARG A 148 1.70 -11.58 -17.91
CA ARG A 148 0.93 -10.50 -17.31
C ARG A 148 1.62 -9.94 -16.06
N ILE A 149 1.19 -8.73 -15.70
CA ILE A 149 1.64 -8.05 -14.49
C ILE A 149 0.39 -7.48 -13.85
N ILE A 150 0.24 -7.69 -12.54
CA ILE A 150 -0.71 -6.94 -11.72
C ILE A 150 0.08 -6.27 -10.61
N VAL A 151 -0.02 -4.94 -10.53
CA VAL A 151 0.77 -4.20 -9.56
C VAL A 151 -0.09 -3.26 -8.71
N SER A 152 0.20 -3.25 -7.42
CA SER A 152 -0.37 -2.26 -6.51
C SER A 152 0.79 -1.47 -5.92
N THR A 153 0.73 -0.16 -6.05
CA THR A 153 1.84 0.69 -5.62
C THR A 153 1.57 1.37 -4.30
N TYR A 154 2.66 1.78 -3.66
CA TYR A 154 2.67 2.46 -2.38
C TYR A 154 3.59 3.65 -2.60
N GLN A 155 3.04 4.75 -3.08
CA GLN A 155 3.86 5.82 -3.63
C GLN A 155 4.05 7.00 -2.69
N ALA A 156 5.30 7.47 -2.68
CA ALA A 156 5.74 8.60 -1.88
C ALA A 156 5.25 9.93 -2.45
N VAL A 157 5.09 10.93 -1.59
CA VAL A 157 4.48 12.21 -1.99
C VAL A 157 5.42 13.12 -2.80
N SER A 158 6.74 12.92 -2.67
CA SER A 158 7.72 13.76 -3.40
C SER A 158 7.56 13.67 -4.90
N GLY A 159 6.93 12.58 -5.36
CA GLY A 159 6.56 12.41 -6.76
C GLY A 159 5.55 13.43 -7.26
N ALA A 160 4.83 14.08 -6.34
CA ALA A 160 3.90 15.14 -6.70
C ALA A 160 4.51 16.53 -6.52
N GLY A 161 5.78 16.56 -6.13
CA GLY A 161 6.55 17.80 -6.11
C GLY A 161 6.82 18.37 -4.73
N MET A 162 7.56 19.47 -4.69
CA MET A 162 7.97 20.09 -3.43
C MET A 162 6.78 20.52 -2.55
N GLY A 163 5.76 21.10 -3.17
CA GLY A 163 4.54 21.52 -2.45
C GLY A 163 3.85 20.36 -1.74
N ALA A 164 3.81 19.20 -2.38
CA ALA A 164 3.22 18.00 -1.79
C ALA A 164 4.01 17.51 -0.59
N ILE A 165 5.35 17.55 -0.68
CA ILE A 165 6.23 17.25 0.45
C ILE A 165 5.87 18.16 1.64
N LEU A 166 5.85 19.46 1.39
CA LEU A 166 5.55 20.45 2.44
C LEU A 166 4.14 20.30 3.03
N GLU A 167 3.17 19.97 2.18
CA GLU A 167 1.80 19.74 2.62
C GLU A 167 1.73 18.53 3.57
N THR A 168 2.45 17.47 3.20
CA THR A 168 2.48 16.25 3.98
C THR A 168 3.08 16.51 5.37
N GLN A 169 4.21 17.20 5.41
CA GLN A 169 4.89 17.53 6.68
C GLN A 169 4.03 18.45 7.58
N ARG A 170 3.36 19.42 6.96
CA ARG A 170 2.45 20.31 7.67
C ARG A 170 1.30 19.53 8.32
N GLU A 171 0.68 18.66 7.53
CA GLU A 171 -0.47 17.88 7.98
C GLU A 171 -0.11 16.94 9.13
N LEU A 172 1.01 16.25 9.00
CA LEU A 172 1.52 15.38 10.05
C LEU A 172 1.83 16.15 11.34
N ARG A 173 2.50 17.29 11.19
CA ARG A 173 2.83 18.15 12.35
C ARG A 173 1.59 18.69 13.05
N GLU A 174 0.56 19.03 12.27
CA GLU A 174 -0.72 19.48 12.83
C GLU A 174 -1.41 18.38 13.65
N VAL A 175 -1.36 17.15 13.14
CA VAL A 175 -1.95 16.00 13.84
C VAL A 175 -1.14 15.65 15.10
N LEU A 176 0.16 15.47 14.93
CA LEU A 176 1.00 14.93 16.00
C LEU A 176 1.39 15.94 17.08
N ASN A 177 1.41 17.23 16.71
CA ASN A 177 1.79 18.29 17.66
C ASN A 177 0.61 19.12 18.15
N ASP A 178 -0.36 19.36 17.26
CA ASP A 178 -1.50 20.24 17.57
C ASP A 178 -2.78 19.50 17.92
N GLY A 179 -2.81 18.20 17.64
CA GLY A 179 -3.95 17.35 17.98
C GLY A 179 -5.13 17.43 17.02
N VAL A 180 -4.90 17.97 15.82
CA VAL A 180 -5.91 18.01 14.77
C VAL A 180 -6.25 16.60 14.31
N LYS A 181 -7.54 16.31 14.14
CA LYS A 181 -7.98 15.02 13.60
C LYS A 181 -7.69 14.98 12.08
N PRO A 182 -7.19 13.84 11.57
CA PRO A 182 -6.86 13.71 10.15
C PRO A 182 -7.97 14.17 9.18
N CYS A 183 -9.22 13.86 9.50
CA CYS A 183 -10.33 14.24 8.61
C CYS A 183 -10.69 15.72 8.68
N ASP A 184 -10.14 16.42 9.68
CA ASP A 184 -10.32 17.87 9.81
C ASP A 184 -9.22 18.68 9.12
N LEU A 185 -8.23 17.98 8.55
CA LEU A 185 -7.12 18.66 7.86
C LEU A 185 -7.56 19.31 6.56
N HIS A 186 -6.95 20.46 6.25
CA HIS A 186 -7.15 21.15 4.99
C HIS A 186 -6.04 20.74 4.04
N ALA A 187 -6.40 20.36 2.82
CA ALA A 187 -5.42 20.01 1.80
C ALA A 187 -5.63 20.88 0.56
N GLU A 188 -4.52 21.19 -0.12
CA GLU A 188 -4.55 22.04 -1.31
C GLU A 188 -4.02 21.37 -2.58
N ILE A 189 -3.21 20.31 -2.42
CA ILE A 189 -2.52 19.71 -3.57
C ILE A 189 -2.93 18.26 -3.81
N LEU A 190 -2.67 17.39 -2.83
CA LEU A 190 -2.94 15.96 -3.00
C LEU A 190 -4.44 15.65 -2.99
N PRO A 191 -4.86 14.57 -3.68
CA PRO A 191 -4.05 13.59 -4.44
C PRO A 191 -3.45 14.11 -5.75
N SER A 192 -4.10 15.10 -6.38
CA SER A 192 -3.64 15.60 -7.67
C SER A 192 -3.81 17.12 -7.75
N GLY A 193 -2.68 17.83 -7.86
CA GLY A 193 -2.66 19.29 -7.87
C GLY A 193 -3.71 19.94 -8.77
N GLY A 194 -3.77 19.47 -10.02
CA GLY A 194 -4.67 20.03 -11.02
C GLY A 194 -6.13 19.63 -10.91
N ASP A 195 -6.42 18.53 -10.19
CA ASP A 195 -7.79 18.05 -10.06
C ASP A 195 -8.62 18.94 -9.15
N LYS A 196 -9.94 18.71 -9.12
CA LYS A 196 -10.89 19.62 -8.48
C LYS A 196 -10.90 19.57 -6.96
N LYS A 197 -10.70 18.37 -6.41
CA LYS A 197 -10.83 18.17 -4.97
C LYS A 197 -9.54 17.66 -4.36
N HIS A 198 -9.27 18.11 -3.15
CA HIS A 198 -8.04 17.77 -2.46
C HIS A 198 -8.31 17.11 -1.12
N TYR A 199 -7.51 16.09 -0.81
CA TYR A 199 -7.70 15.30 0.40
C TYR A 199 -6.42 15.22 1.22
N PRO A 200 -6.55 15.06 2.56
CA PRO A 200 -5.39 14.85 3.42
C PRO A 200 -4.69 13.52 3.11
N ILE A 201 -3.37 13.50 3.26
CA ILE A 201 -2.57 12.28 3.09
C ILE A 201 -2.10 11.74 4.44
N ALA A 202 -1.96 12.63 5.42
CA ALA A 202 -1.55 12.24 6.77
C ALA A 202 -2.45 11.11 7.30
N PHE A 203 -1.81 10.00 7.66
CA PHE A 203 -2.50 8.81 8.19
C PHE A 203 -3.61 8.28 7.26
N ASN A 204 -3.41 8.47 5.96
CA ASN A 204 -4.39 8.07 4.96
C ASN A 204 -3.73 7.27 3.84
N ALA A 205 -4.53 6.65 2.99
CA ALA A 205 -4.05 6.04 1.76
C ALA A 205 -4.98 6.44 0.62
N LEU A 206 -4.45 7.21 -0.32
CA LEU A 206 -5.27 7.75 -1.41
C LEU A 206 -5.11 6.94 -2.70
N PRO A 207 -6.15 6.18 -3.08
CA PRO A 207 -6.10 5.40 -4.31
C PRO A 207 -6.31 6.28 -5.56
N GLN A 208 -5.64 7.43 -5.59
CA GLN A 208 -5.63 8.29 -6.77
C GLN A 208 -4.28 8.97 -6.92
N ILE A 209 -3.62 8.69 -8.03
CA ILE A 209 -2.44 9.41 -8.48
C ILE A 209 -2.72 9.86 -9.92
N ASP A 210 -2.47 11.14 -10.19
CA ASP A 210 -2.88 11.81 -11.42
C ASP A 210 -4.41 11.87 -11.54
N VAL A 211 -4.92 12.32 -12.68
CA VAL A 211 -6.38 12.44 -12.88
C VAL A 211 -6.94 11.14 -13.46
N PHE A 212 -8.26 10.98 -13.37
CA PHE A 212 -8.93 9.81 -13.94
C PHE A 212 -9.06 9.90 -15.46
N THR A 213 -8.94 8.75 -16.12
CA THR A 213 -9.14 8.65 -17.57
C THR A 213 -10.52 8.07 -17.86
N ASP A 214 -10.84 7.94 -19.16
CA ASP A 214 -12.14 7.43 -19.63
C ASP A 214 -12.53 6.05 -19.13
N ASN A 215 -11.53 5.22 -18.82
CA ASN A 215 -11.79 3.82 -18.45
C ASN A 215 -11.80 3.55 -16.94
N ASP A 216 -11.87 4.62 -16.14
CA ASP A 216 -11.95 4.54 -14.67
C ASP A 216 -10.62 4.19 -13.98
N TYR A 217 -9.59 3.89 -14.78
CA TYR A 217 -8.20 3.85 -14.30
C TYR A 217 -7.67 5.27 -14.38
N THR A 218 -6.76 5.63 -13.48
CA THR A 218 -6.11 6.94 -13.53
C THR A 218 -5.00 6.97 -14.59
N TYR A 219 -4.52 8.17 -14.90
CA TYR A 219 -3.43 8.35 -15.86
CA TYR A 219 -3.44 8.34 -15.86
C TYR A 219 -2.14 7.66 -15.40
N GLU A 220 -1.90 7.67 -14.09
CA GLU A 220 -0.73 6.99 -13.52
C GLU A 220 -0.77 5.49 -13.78
N GLU A 221 -1.94 4.90 -13.51
CA GLU A 221 -2.16 3.48 -13.73
C GLU A 221 -2.00 3.10 -15.21
N MET A 222 -2.52 3.95 -16.10
CA MET A 222 -2.44 3.70 -17.54
C MET A 222 -1.03 3.90 -18.10
N LYS A 223 -0.30 4.85 -17.52
CA LYS A 223 1.10 5.04 -17.85
C LYS A 223 1.92 3.80 -17.53
N MET A 224 1.67 3.19 -16.37
CA MET A 224 2.32 1.92 -16.04
C MET A 224 2.04 0.83 -17.09
N THR A 225 0.79 0.74 -17.53
CA THR A 225 0.38 -0.17 -18.60
C THR A 225 1.09 0.14 -19.93
N LYS A 226 0.91 1.36 -20.43
CA LYS A 226 1.41 1.76 -21.74
C LYS A 226 2.93 1.84 -21.85
N GLU A 227 3.58 2.36 -20.81
CA GLU A 227 5.04 2.51 -20.83
C GLU A 227 5.77 1.17 -20.72
N THR A 228 5.24 0.25 -19.92
CA THR A 228 5.78 -1.11 -19.81
C THR A 228 5.88 -1.77 -21.19
N LYS A 229 4.82 -1.62 -21.98
CA LYS A 229 4.72 -2.24 -23.29
C LYS A 229 5.71 -1.64 -24.27
N LYS A 230 5.89 -0.33 -24.21
CA LYS A 230 6.88 0.35 -25.05
C LYS A 230 8.32 0.00 -24.65
N ILE A 231 8.63 0.12 -23.36
CA ILE A 231 9.99 -0.15 -22.83
C ILE A 231 10.45 -1.59 -23.14
N MET A 232 9.57 -2.54 -22.86
CA MET A 232 9.88 -3.95 -23.09
C MET A 232 9.60 -4.39 -24.53
N GLU A 233 9.13 -3.45 -25.34
CA GLU A 233 8.82 -3.67 -26.75
C GLU A 233 7.96 -4.91 -26.98
N ASP A 234 6.84 -4.97 -26.24
CA ASP A 234 5.89 -6.07 -26.31
C ASP A 234 4.49 -5.64 -25.86
N ASP A 235 3.62 -5.41 -26.83
CA ASP A 235 2.23 -5.01 -26.56
C ASP A 235 1.39 -6.15 -25.99
N SER A 236 1.91 -7.37 -26.03
CA SER A 236 1.13 -8.54 -25.60
C SER A 236 1.20 -8.78 -24.09
N ILE A 237 2.12 -8.08 -23.41
CA ILE A 237 2.20 -8.15 -21.95
C ILE A 237 0.98 -7.46 -21.34
N ALA A 238 0.14 -8.25 -20.67
CA ALA A 238 -1.03 -7.73 -19.96
C ALA A 238 -0.58 -7.02 -18.70
N VAL A 239 -0.96 -5.74 -18.55
CA VAL A 239 -0.62 -4.96 -17.36
C VAL A 239 -1.82 -4.17 -16.84
N SER A 240 -2.11 -4.40 -15.56
CA SER A 240 -3.12 -3.62 -14.85
C SER A 240 -2.54 -3.16 -13.51
N ALA A 241 -2.80 -1.90 -13.17
CA ALA A 241 -2.24 -1.29 -11.96
C ALA A 241 -3.30 -0.63 -11.08
N THR A 242 -3.00 -0.61 -9.78
CA THR A 242 -3.69 0.26 -8.83
C THR A 242 -2.61 1.12 -8.18
N CYS A 243 -2.72 2.44 -8.35
CA CYS A 243 -1.70 3.36 -7.85
C CYS A 243 -2.21 4.15 -6.66
N VAL A 244 -1.51 4.03 -5.54
CA VAL A 244 -1.97 4.57 -4.25
C VAL A 244 -0.88 5.42 -3.61
N ARG A 245 -1.24 6.64 -3.21
CA ARG A 245 -0.36 7.52 -2.44
C ARG A 245 -0.45 7.18 -0.96
N ILE A 246 0.71 7.01 -0.32
CA ILE A 246 0.75 6.77 1.12
C ILE A 246 1.64 7.83 1.81
N PRO A 247 1.59 7.90 3.15
CA PRO A 247 2.37 8.92 3.88
C PRO A 247 3.86 8.61 3.98
N VAL A 248 4.54 8.68 2.84
CA VAL A 248 5.98 8.49 2.73
C VAL A 248 6.49 9.67 1.91
N LEU A 249 7.61 10.26 2.30
CA LEU A 249 8.12 11.41 1.55
C LEU A 249 8.92 10.99 0.31
N SER A 250 9.82 10.03 0.48
CA SER A 250 10.62 9.50 -0.64
C SER A 250 10.70 7.98 -0.67
N ALA A 251 10.76 7.46 -1.90
CA ALA A 251 10.86 6.03 -2.25
C ALA A 251 9.49 5.38 -2.43
N HIS A 252 9.28 4.88 -3.64
CA HIS A 252 8.09 4.10 -3.98
C HIS A 252 8.31 2.63 -3.71
N SER A 253 7.27 1.98 -3.20
CA SER A 253 7.25 0.54 -3.00
C SER A 253 6.12 -0.05 -3.82
N GLU A 254 6.30 -1.28 -4.29
CA GLU A 254 5.32 -1.91 -5.16
C GLU A 254 5.14 -3.38 -4.86
N SER A 255 3.89 -3.79 -4.72
CA SER A 255 3.54 -5.21 -4.67
C SER A 255 3.30 -5.67 -6.10
N VAL A 256 4.24 -6.46 -6.62
CA VAL A 256 4.22 -6.87 -8.02
C VAL A 256 3.87 -8.35 -8.16
N TYR A 257 2.85 -8.63 -8.95
CA TYR A 257 2.52 -10.00 -9.32
C TYR A 257 2.74 -10.15 -10.81
N ILE A 258 3.41 -11.24 -11.18
CA ILE A 258 3.62 -11.58 -12.58
C ILE A 258 3.26 -13.04 -12.83
N GLU A 259 2.91 -13.32 -14.07
CA GLU A 259 2.90 -14.67 -14.58
C GLU A 259 3.89 -14.73 -15.73
N THR A 260 4.86 -15.63 -15.61
CA THR A 260 5.87 -15.82 -16.65
C THR A 260 5.31 -16.74 -17.74
N LYS A 261 6.03 -16.85 -18.85
CA LYS A 261 5.62 -17.75 -19.94
C LYS A 261 6.05 -19.17 -19.64
N GLU A 262 7.19 -19.31 -18.95
CA GLU A 262 7.71 -20.60 -18.53
C GLU A 262 7.86 -20.58 -17.01
N VAL A 263 7.72 -21.75 -16.38
CA VAL A 263 7.91 -21.85 -14.93
C VAL A 263 9.30 -21.36 -14.55
N ALA A 264 9.33 -20.40 -13.63
CA ALA A 264 10.57 -19.75 -13.22
C ALA A 264 10.87 -20.10 -11.77
N PRO A 265 11.80 -21.07 -11.56
CA PRO A 265 12.15 -21.50 -10.19
C PRO A 265 12.62 -20.30 -9.37
N ILE A 266 12.01 -20.11 -8.21
CA ILE A 266 12.25 -18.94 -7.36
C ILE A 266 13.73 -18.67 -7.05
N GLU A 267 14.48 -19.70 -6.70
CA GLU A 267 15.91 -19.51 -6.41
C GLU A 267 16.68 -18.98 -7.62
N GLU A 268 16.25 -19.35 -8.83
CA GLU A 268 16.86 -18.85 -10.07
C GLU A 268 16.42 -17.43 -10.39
N VAL A 269 15.16 -17.12 -10.11
CA VAL A 269 14.63 -15.76 -10.23
C VAL A 269 15.42 -14.82 -9.33
N LYS A 270 15.64 -15.24 -8.09
CA LYS A 270 16.46 -14.49 -7.14
C LYS A 270 17.86 -14.22 -7.71
N ALA A 271 18.50 -15.27 -8.22
CA ALA A 271 19.83 -15.15 -8.82
C ALA A 271 19.85 -14.25 -10.04
N ALA A 272 18.80 -14.34 -10.86
CA ALA A 272 18.67 -13.53 -12.08
C ALA A 272 18.59 -12.04 -11.74
N ILE A 273 17.78 -11.72 -10.74
CA ILE A 273 17.61 -10.33 -10.31
C ILE A 273 18.89 -9.81 -9.67
N ALA A 274 19.50 -10.62 -8.80
CA ALA A 274 20.79 -10.29 -8.20
C ALA A 274 21.84 -9.91 -9.24
N ALA A 275 21.83 -10.61 -10.38
CA ALA A 275 22.87 -10.43 -11.40
C ALA A 275 22.59 -9.29 -12.38
N PHE A 276 21.42 -8.67 -12.27
CA PHE A 276 21.00 -7.63 -13.20
C PHE A 276 21.49 -6.26 -12.75
N PRO A 277 22.16 -5.51 -13.64
CA PRO A 277 22.67 -4.16 -13.31
C PRO A 277 21.55 -3.25 -12.81
N GLY A 278 21.80 -2.54 -11.72
CA GLY A 278 20.83 -1.59 -11.16
C GLY A 278 19.81 -2.23 -10.23
N ALA A 279 19.82 -3.56 -10.15
CA ALA A 279 18.93 -4.30 -9.27
C ALA A 279 19.73 -4.92 -8.14
N VAL A 280 19.21 -4.84 -6.92
CA VAL A 280 19.83 -5.47 -5.76
C VAL A 280 18.82 -6.40 -5.10
N LEU A 281 19.23 -7.65 -4.89
CA LEU A 281 18.43 -8.63 -4.17
C LEU A 281 18.55 -8.38 -2.66
N GLU A 282 17.43 -8.05 -2.03
CA GLU A 282 17.33 -7.97 -0.57
C GLU A 282 16.21 -8.90 -0.13
N ASP A 283 16.55 -10.17 -0.02
CA ASP A 283 15.58 -11.23 0.22
C ASP A 283 16.16 -12.32 1.09
N ASP A 284 15.95 -12.18 2.40
CA ASP A 284 16.37 -13.19 3.37
C ASP A 284 15.35 -13.16 4.50
N VAL A 285 14.25 -13.88 4.32
CA VAL A 285 13.13 -13.84 5.28
C VAL A 285 13.49 -14.42 6.65
N ALA A 286 14.47 -15.32 6.69
CA ALA A 286 14.95 -15.89 7.96
C ALA A 286 15.49 -14.81 8.91
N HIS A 287 16.02 -13.72 8.33
CA HIS A 287 16.47 -12.58 9.11
C HIS A 287 15.66 -11.31 8.82
N GLN A 288 14.42 -11.50 8.37
CA GLN A 288 13.49 -10.41 8.07
C GLN A 288 14.08 -9.35 7.14
N ILE A 289 14.79 -9.80 6.10
CA ILE A 289 15.38 -8.91 5.12
C ILE A 289 14.46 -8.77 3.90
N TYR A 290 14.02 -7.54 3.66
CA TYR A 290 13.21 -7.20 2.48
C TYR A 290 13.42 -5.72 2.17
N PRO A 291 13.10 -5.29 0.94
CA PRO A 291 13.25 -3.86 0.62
C PRO A 291 12.36 -2.98 1.50
N GLN A 292 12.89 -1.82 1.87
CA GLN A 292 12.16 -0.84 2.69
C GLN A 292 12.43 0.55 2.14
N ALA A 293 11.35 1.33 1.98
CA ALA A 293 11.41 2.70 1.51
C ALA A 293 12.50 3.52 2.21
N ILE A 294 12.55 3.44 3.54
CA ILE A 294 13.51 4.25 4.31
C ILE A 294 14.98 3.88 4.06
N ASN A 295 15.22 2.63 3.69
CA ASN A 295 16.57 2.18 3.33
C ASN A 295 16.96 2.49 1.89
N ALA A 296 15.98 2.68 1.02
CA ALA A 296 16.24 2.91 -0.39
C ALA A 296 16.55 4.38 -0.68
N VAL A 297 16.06 5.28 0.19
CA VAL A 297 16.32 6.72 0.05
C VAL A 297 17.82 7.00 -0.07
N GLY A 298 18.20 7.73 -1.11
CA GLY A 298 19.60 8.10 -1.31
C GLY A 298 20.36 7.17 -2.24
N SER A 299 19.79 6.00 -2.52
CA SER A 299 20.42 5.00 -3.40
C SER A 299 19.87 5.00 -4.83
N ARG A 300 20.78 4.89 -5.80
CA ARG A 300 20.44 4.74 -7.22
C ARG A 300 19.90 3.35 -7.58
N ASP A 301 20.12 2.39 -6.69
CA ASP A 301 19.72 1.00 -6.95
C ASP A 301 18.23 0.75 -6.73
N THR A 302 17.73 -0.32 -7.34
CA THR A 302 16.35 -0.79 -7.16
C THR A 302 16.38 -2.10 -6.37
N PHE A 303 15.62 -2.16 -5.28
CA PHE A 303 15.70 -3.28 -4.34
C PHE A 303 14.49 -4.21 -4.44
N VAL A 304 14.77 -5.52 -4.49
CA VAL A 304 13.73 -6.52 -4.73
C VAL A 304 13.80 -7.64 -3.70
N GLY A 305 12.64 -7.98 -3.14
CA GLY A 305 12.55 -9.08 -2.17
C GLY A 305 11.13 -9.58 -2.06
N ARG A 306 10.84 -10.27 -0.95
CA ARG A 306 9.58 -11.00 -0.75
C ARG A 306 9.25 -11.89 -1.95
N ILE A 307 10.28 -12.40 -2.64
CA ILE A 307 10.05 -13.19 -3.85
C ILE A 307 9.58 -14.58 -3.48
N ARG A 308 8.44 -14.97 -4.05
CA ARG A 308 7.79 -16.25 -3.79
C ARG A 308 6.79 -16.59 -4.89
N LYS A 309 6.58 -17.88 -5.13
CA LYS A 309 5.58 -18.27 -6.13
C LYS A 309 4.16 -18.10 -5.58
N ASP A 310 3.21 -17.91 -6.48
CA ASP A 310 1.80 -17.87 -6.15
C ASP A 310 1.38 -19.22 -5.55
N LEU A 311 0.42 -19.20 -4.64
CA LEU A 311 -0.02 -20.40 -3.96
C LEU A 311 -0.81 -21.36 -4.84
N ASP A 312 -1.24 -20.89 -6.02
CA ASP A 312 -2.09 -21.68 -6.90
C ASP A 312 -1.67 -21.63 -8.37
N ALA A 313 -1.29 -20.46 -8.84
CA ALA A 313 -0.89 -20.27 -10.23
C ALA A 313 0.54 -20.76 -10.44
N GLU A 314 0.67 -21.79 -11.26
CA GLU A 314 1.95 -22.41 -11.61
C GLU A 314 3.04 -21.40 -12.01
N LYS A 315 2.68 -20.47 -12.90
CA LYS A 315 3.65 -19.51 -13.44
C LYS A 315 3.62 -18.15 -12.74
N GLY A 316 2.85 -18.06 -11.66
CA GLY A 316 2.72 -16.83 -10.87
C GLY A 316 3.82 -16.63 -9.85
N ILE A 317 4.31 -15.39 -9.74
CA ILE A 317 5.32 -14.99 -8.76
C ILE A 317 4.94 -13.65 -8.14
N HIS A 318 5.11 -13.52 -6.83
CA HIS A 318 4.92 -12.24 -6.13
C HIS A 318 6.26 -11.67 -5.70
N MET A 319 6.35 -10.35 -5.61
CA MET A 319 7.55 -9.69 -5.12
C MET A 319 7.28 -8.28 -4.61
N TRP A 320 8.28 -7.71 -3.96
CA TRP A 320 8.20 -6.38 -3.38
C TRP A 320 9.36 -5.57 -3.95
N VAL A 321 9.04 -4.47 -4.63
CA VAL A 321 10.02 -3.66 -5.34
C VAL A 321 10.03 -2.24 -4.78
N VAL A 322 11.21 -1.76 -4.40
CA VAL A 322 11.37 -0.43 -3.82
C VAL A 322 12.55 0.32 -4.46
N SER A 323 12.33 1.58 -4.81
CA SER A 323 13.42 2.47 -5.23
C SER A 323 13.10 3.92 -4.89
N ASP A 324 14.15 4.72 -4.72
CA ASP A 324 14.03 6.17 -4.53
C ASP A 324 13.41 6.77 -5.79
N ASN A 325 12.19 7.28 -5.67
CA ASN A 325 11.43 7.82 -6.80
C ASN A 325 12.02 9.09 -7.41
N LEU A 326 12.86 9.78 -6.64
CA LEU A 326 13.52 10.99 -7.15
C LEU A 326 14.86 10.66 -7.77
N LEU A 327 15.38 9.47 -7.45
CA LEU A 327 16.64 9.02 -8.04
C LEU A 327 16.41 8.12 -9.24
N LYS A 328 16.31 6.80 -9.07
CA LYS A 328 16.06 5.91 -10.22
C LYS A 328 14.72 6.25 -10.87
N GLY A 329 13.75 6.67 -10.06
CA GLY A 329 12.46 7.10 -10.59
C GLY A 329 12.50 8.37 -11.44
N ALA A 330 13.56 9.16 -11.35
CA ALA A 330 13.61 10.46 -12.04
C ALA A 330 15.03 10.95 -12.39
N ALA A 331 15.68 11.60 -11.42
CA ALA A 331 16.93 12.32 -11.65
C ALA A 331 18.11 11.43 -12.01
N TRP A 332 18.28 10.30 -11.32
CA TRP A 332 19.34 9.37 -11.67
C TRP A 332 19.10 8.70 -13.01
N ASN A 333 17.86 8.28 -13.29
CA ASN A 333 17.57 7.70 -14.59
C ASN A 333 17.91 8.67 -15.73
N SER A 334 17.60 9.95 -15.53
CA SER A 334 17.90 11.00 -16.51
C SER A 334 19.41 11.21 -16.72
N VAL A 335 20.16 11.35 -15.62
CA VAL A 335 21.62 11.51 -15.68
C VAL A 335 22.29 10.27 -16.26
N GLN A 336 21.79 9.09 -15.89
CA GLN A 336 22.29 7.82 -16.44
C GLN A 336 22.07 7.75 -17.95
N ILE A 337 20.91 8.23 -18.40
CA ILE A 337 20.64 8.34 -19.83
C ILE A 337 21.68 9.24 -20.51
N ALA A 338 21.95 10.40 -19.90
CA ALA A 338 22.92 11.34 -20.46
C ALA A 338 24.32 10.72 -20.50
N GLU A 339 24.69 10.00 -19.43
CA GLU A 339 25.98 9.30 -19.41
C GLU A 339 26.08 8.25 -20.51
N THR A 340 24.96 7.56 -20.76
CA THR A 340 24.90 6.54 -21.80
C THR A 340 24.96 7.16 -23.19
N LEU A 341 24.31 8.32 -23.36
CA LEU A 341 24.41 9.10 -24.59
C LEU A 341 25.86 9.48 -24.88
N HIS A 342 26.56 9.98 -23.87
CA HIS A 342 27.99 10.29 -23.99
C HIS A 342 28.80 9.05 -24.39
N GLU A 343 28.64 7.96 -23.65
CA GLU A 343 29.29 6.68 -23.95
C GLU A 343 29.16 6.29 -25.41
N ARG A 344 27.97 6.47 -25.95
CA ARG A 344 27.66 6.02 -27.30
C ARG A 344 27.87 7.08 -28.37
N GLY A 345 28.44 8.23 -27.96
CA GLY A 345 28.73 9.33 -28.88
C GLY A 345 27.49 9.92 -29.52
N LEU A 346 26.40 9.93 -28.75
CA LEU A 346 25.08 10.36 -29.23
C LEU A 346 24.72 11.79 -28.82
N VAL A 347 25.66 12.48 -28.17
CA VAL A 347 25.43 13.87 -27.79
C VAL A 347 25.86 14.80 -28.92
N ARG A 348 24.92 15.06 -29.82
CA ARG A 348 25.13 15.95 -30.96
C ARG A 348 23.78 16.44 -31.50
N PRO A 349 23.80 17.60 -32.19
CA PRO A 349 22.57 18.16 -32.75
C PRO A 349 21.83 17.21 -33.67
N THR A 350 20.51 17.33 -33.71
CA THR A 350 19.68 16.58 -34.63
C THR A 350 19.32 17.51 -35.79
N ALA A 351 19.63 17.06 -37.01
CA ALA A 351 19.44 17.87 -38.21
C ALA A 351 17.97 18.16 -38.50
N GLU A 352 17.17 17.10 -38.57
CA GLU A 352 15.75 17.23 -38.91
C GLU A 352 14.90 17.34 -37.63
N LEU A 353 14.12 18.41 -37.56
CA LEU A 353 13.23 18.65 -36.43
C LEU A 353 11.95 17.84 -36.61
N LYS A 354 11.63 17.01 -35.60
CA LYS A 354 10.45 16.16 -35.65
C LYS A 354 9.38 16.56 -34.64
N PHE A 355 9.56 17.72 -34.01
CA PHE A 355 8.69 18.16 -32.93
C PHE A 355 8.14 19.57 -33.12
N GLU A 356 6.82 19.70 -33.04
CA GLU A 356 6.10 20.97 -33.18
C GLU A 356 6.62 22.09 -32.28
N LEU A 357 6.88 23.24 -32.90
CA LEU A 357 7.18 24.47 -32.17
C LEU A 357 5.87 25.15 -31.78
N LYS A 358 5.64 25.26 -30.48
CA LYS A 358 4.39 25.79 -29.93
C LYS A 358 4.44 27.29 -29.68
N LEU A 359 5.62 27.89 -29.89
CA LEU A 359 5.92 29.29 -29.54
C LEU A 359 5.85 29.53 -28.02
N GLY B 2 -31.61 -10.66 31.54
CA GLY B 2 -30.57 -10.32 30.53
C GLY B 2 -29.34 -11.20 30.68
N TYR B 3 -28.21 -10.72 30.15
CA TYR B 3 -26.96 -11.48 30.18
C TYR B 3 -25.92 -10.87 31.10
N THR B 4 -25.06 -11.73 31.63
CA THR B 4 -23.78 -11.32 32.19
C THR B 4 -22.75 -11.45 31.06
N VAL B 5 -22.05 -10.35 30.78
CA VAL B 5 -21.09 -10.28 29.68
C VAL B 5 -19.70 -9.90 30.21
N ALA B 6 -18.71 -10.74 29.92
CA ALA B 6 -17.33 -10.45 30.28
C ALA B 6 -16.51 -10.04 29.06
N VAL B 7 -15.67 -9.02 29.24
CA VAL B 7 -14.69 -8.61 28.22
C VAL B 7 -13.29 -8.96 28.74
N VAL B 8 -12.67 -9.95 28.11
CA VAL B 8 -11.32 -10.39 28.46
C VAL B 8 -10.32 -9.66 27.57
N GLY B 9 -9.43 -8.91 28.20
CA GLY B 9 -8.52 -8.01 27.49
C GLY B 9 -9.15 -6.65 27.28
N ALA B 10 -9.88 -6.19 28.30
CA ALA B 10 -10.65 -4.93 28.23
C ALA B 10 -9.81 -3.67 28.13
N THR B 11 -8.55 -3.76 28.57
CA THR B 11 -7.66 -2.61 28.64
C THR B 11 -6.92 -2.29 27.32
N GLY B 12 -6.93 -3.24 26.39
CA GLY B 12 -6.21 -3.09 25.13
C GLY B 12 -6.90 -2.22 24.09
N ALA B 13 -6.34 -2.17 22.89
CA ALA B 13 -6.89 -1.40 21.79
C ALA B 13 -8.24 -1.96 21.32
N VAL B 14 -8.31 -3.27 21.15
CA VAL B 14 -9.58 -3.92 20.79
C VAL B 14 -10.55 -3.88 21.98
N GLY B 15 -10.07 -4.23 23.17
CA GLY B 15 -10.88 -4.19 24.39
C GLY B 15 -11.67 -2.91 24.58
N ALA B 16 -11.00 -1.77 24.34
CA ALA B 16 -11.63 -0.45 24.44
C ALA B 16 -12.76 -0.26 23.43
N GLN B 17 -12.58 -0.82 22.23
CA GLN B 17 -13.62 -0.73 21.20
C GLN B 17 -14.75 -1.72 21.43
N MET B 18 -14.43 -2.86 22.05
CA MET B 18 -15.46 -3.82 22.49
C MET B 18 -16.39 -3.19 23.52
N ILE B 19 -15.81 -2.43 24.45
CA ILE B 19 -16.60 -1.65 25.43
C ILE B 19 -17.52 -0.68 24.71
N LYS B 20 -16.96 0.11 23.79
CA LYS B 20 -17.70 1.09 23.02
C LYS B 20 -18.81 0.45 22.18
N MET B 21 -18.52 -0.70 21.58
CA MET B 21 -19.52 -1.42 20.80
C MET B 21 -20.63 -2.02 21.68
N LEU B 22 -20.25 -2.54 22.85
CA LEU B 22 -21.24 -3.03 23.83
C LEU B 22 -22.13 -1.93 24.40
N GLU B 23 -21.52 -0.77 24.68
CA GLU B 23 -22.26 0.41 25.15
C GLU B 23 -23.32 0.85 24.13
N GLU B 24 -23.01 0.66 22.85
CA GLU B 24 -23.89 1.05 21.75
C GLU B 24 -24.71 -0.11 21.21
N SER B 25 -24.61 -1.26 21.88
CA SER B 25 -25.30 -2.48 21.47
C SER B 25 -26.73 -2.56 21.99
N THR B 26 -27.55 -3.35 21.30
CA THR B 26 -28.92 -3.67 21.72
C THR B 26 -28.95 -4.83 22.73
N LEU B 27 -27.82 -5.52 22.89
CA LEU B 27 -27.72 -6.69 23.76
C LEU B 27 -28.24 -6.35 25.17
N PRO B 28 -29.19 -7.17 25.68
CA PRO B 28 -29.70 -6.90 27.02
C PRO B 28 -28.70 -7.37 28.08
N ILE B 29 -28.01 -6.41 28.69
CA ILE B 29 -26.93 -6.73 29.61
C ILE B 29 -27.32 -6.34 31.04
N ASP B 30 -27.42 -7.35 31.90
CA ASP B 30 -27.76 -7.18 33.32
C ASP B 30 -26.54 -6.83 34.15
N LYS B 31 -25.42 -7.44 33.80
CA LYS B 31 -24.16 -7.26 34.52
C LYS B 31 -22.99 -7.28 33.54
N ILE B 32 -22.06 -6.35 33.73
CA ILE B 32 -20.88 -6.23 32.88
C ILE B 32 -19.60 -6.43 33.70
N ARG B 33 -18.71 -7.27 33.18
CA ARG B 33 -17.45 -7.58 33.85
C ARG B 33 -16.26 -7.34 32.92
N TYR B 34 -15.20 -6.75 33.47
CA TYR B 34 -13.96 -6.54 32.72
C TYR B 34 -12.83 -7.39 33.28
N LEU B 35 -12.21 -8.17 32.39
CA LEU B 35 -11.13 -9.07 32.75
C LEU B 35 -9.85 -8.74 31.99
N ALA B 36 -8.71 -8.90 32.66
CA ALA B 36 -7.39 -8.63 32.09
C ALA B 36 -6.30 -9.35 32.91
N SER B 37 -5.07 -8.84 32.85
CA SER B 37 -3.96 -9.43 33.62
C SER B 37 -3.92 -8.88 35.05
N ALA B 38 -2.95 -9.35 35.84
CA ALA B 38 -2.77 -8.91 37.22
C ALA B 38 -2.43 -7.43 37.34
N ARG B 39 -1.73 -6.91 36.33
CA ARG B 39 -1.32 -5.50 36.28
C ARG B 39 -2.52 -4.53 36.25
N SER B 40 -3.62 -4.97 35.64
CA SER B 40 -4.84 -4.17 35.57
C SER B 40 -5.81 -4.46 36.71
N ALA B 41 -5.68 -5.64 37.32
CA ALA B 41 -6.59 -6.09 38.37
C ALA B 41 -6.68 -5.09 39.53
N GLY B 42 -7.89 -4.58 39.76
CA GLY B 42 -8.11 -3.57 40.80
C GLY B 42 -8.49 -2.21 40.24
N LYS B 43 -7.84 -1.83 39.13
CA LYS B 43 -8.11 -0.56 38.45
C LYS B 43 -9.55 -0.51 37.91
N SER B 44 -9.99 0.68 37.50
CA SER B 44 -11.38 0.86 37.10
C SER B 44 -11.53 1.46 35.70
N LEU B 45 -12.46 0.88 34.94
CA LEU B 45 -12.87 1.41 33.65
C LEU B 45 -14.39 1.60 33.61
N LYS B 46 -14.83 2.54 32.80
CA LYS B 46 -16.24 2.88 32.68
C LYS B 46 -17.01 1.92 31.78
N PHE B 47 -18.27 1.65 32.15
CA PHE B 47 -19.28 1.17 31.20
C PHE B 47 -20.42 2.17 31.25
N LYS B 48 -20.50 3.00 30.21
CA LYS B 48 -21.38 4.18 30.19
C LYS B 48 -21.04 5.10 31.37
N ASP B 49 -21.93 5.18 32.36
CA ASP B 49 -21.73 6.01 33.54
C ASP B 49 -21.20 5.24 34.75
N GLN B 50 -21.24 3.90 34.65
CA GLN B 50 -20.91 3.03 35.78
C GLN B 50 -19.41 2.78 35.91
N ASP B 51 -18.96 2.57 37.15
CA ASP B 51 -17.58 2.22 37.43
C ASP B 51 -17.42 0.72 37.57
N ILE B 52 -16.64 0.12 36.67
CA ILE B 52 -16.40 -1.32 36.69
C ILE B 52 -14.94 -1.60 37.06
N THR B 53 -14.76 -2.41 38.11
CA THR B 53 -13.43 -2.80 38.55
C THR B 53 -12.89 -3.96 37.71
N ILE B 54 -11.68 -3.78 37.17
CA ILE B 54 -11.04 -4.79 36.33
C ILE B 54 -10.60 -5.97 37.19
N GLU B 55 -11.02 -7.17 36.76
CA GLU B 55 -10.67 -8.41 37.46
C GLU B 55 -9.54 -9.13 36.74
N GLU B 56 -8.77 -9.90 37.49
CA GLU B 56 -7.74 -10.77 36.91
C GLU B 56 -8.42 -11.99 36.29
N THR B 57 -8.02 -12.33 35.07
CA THR B 57 -8.56 -13.49 34.39
C THR B 57 -7.94 -14.78 34.96
N THR B 58 -8.79 -15.61 35.55
CA THR B 58 -8.37 -16.91 36.07
C THR B 58 -9.29 -17.99 35.51
N GLU B 59 -8.93 -19.26 35.74
CA GLU B 59 -9.70 -20.39 35.22
C GLU B 59 -11.03 -20.60 35.95
N THR B 60 -11.23 -19.88 37.05
CA THR B 60 -12.43 -20.00 37.87
C THR B 60 -13.28 -18.71 37.88
N ALA B 61 -12.84 -17.72 37.11
CA ALA B 61 -13.47 -16.40 37.09
C ALA B 61 -14.66 -16.29 36.13
N PHE B 62 -15.10 -17.41 35.57
CA PHE B 62 -16.15 -17.42 34.54
C PHE B 62 -17.53 -17.96 34.98
N GLU B 63 -17.69 -18.20 36.28
N GLU B 63 -17.69 -18.20 36.28
CA GLU B 63 -18.97 -18.69 36.82
CA GLU B 63 -18.96 -18.69 36.82
C GLU B 63 -20.07 -17.63 36.71
C GLU B 63 -20.07 -17.63 36.71
N GLY B 64 -21.19 -18.03 36.10
CA GLY B 64 -22.35 -17.14 35.93
C GLY B 64 -22.39 -16.36 34.63
N VAL B 65 -21.26 -16.35 33.90
CA VAL B 65 -21.13 -15.60 32.65
C VAL B 65 -21.92 -16.26 31.51
N ASP B 66 -22.65 -15.44 30.76
CA ASP B 66 -23.40 -15.92 29.60
C ASP B 66 -22.59 -15.78 28.31
N ILE B 67 -21.92 -14.64 28.17
CA ILE B 67 -21.15 -14.31 26.96
C ILE B 67 -19.79 -13.74 27.37
N ALA B 68 -18.74 -14.31 26.79
CA ALA B 68 -17.38 -13.80 27.00
C ALA B 68 -16.73 -13.41 25.67
N LEU B 69 -16.35 -12.14 25.56
CA LEU B 69 -15.59 -11.66 24.41
C LEU B 69 -14.11 -11.62 24.76
N PHE B 70 -13.32 -12.41 24.04
CA PHE B 70 -11.88 -12.52 24.25
C PHE B 70 -11.12 -11.72 23.21
N SER B 71 -10.24 -10.84 23.67
CA SER B 71 -9.24 -10.20 22.81
C SER B 71 -8.02 -9.87 23.65
N ALA B 72 -7.33 -10.91 24.10
CA ALA B 72 -6.21 -10.77 25.01
C ALA B 72 -5.01 -11.64 24.61
N GLY B 73 -4.91 -11.94 23.31
CA GLY B 73 -3.83 -12.78 22.80
C GLY B 73 -4.20 -14.25 22.75
N SER B 74 -3.56 -14.98 21.85
CA SER B 74 -3.86 -16.39 21.60
C SER B 74 -3.66 -17.29 22.83
N SER B 75 -2.60 -17.03 23.59
CA SER B 75 -2.28 -17.83 24.78
C SER B 75 -3.32 -17.64 25.90
N THR B 76 -3.93 -16.47 25.95
CA THR B 76 -4.98 -16.19 26.94
C THR B 76 -6.26 -16.96 26.63
N SER B 77 -6.58 -17.09 25.33
CA SER B 77 -7.73 -17.87 24.90
C SER B 77 -7.45 -19.36 25.03
N ALA B 78 -6.21 -19.77 24.72
CA ALA B 78 -5.78 -21.16 24.86
C ALA B 78 -5.99 -21.65 26.28
N LYS B 79 -5.56 -20.83 27.25
CA LYS B 79 -5.62 -21.19 28.67
C LYS B 79 -7.02 -21.11 29.29
N TYR B 80 -7.79 -20.08 28.93
CA TYR B 80 -8.99 -19.74 29.69
C TYR B 80 -10.34 -19.99 29.01
N ALA B 81 -10.38 -19.90 27.67
CA ALA B 81 -11.63 -20.13 26.94
C ALA B 81 -12.25 -21.53 27.17
N PRO B 82 -11.41 -22.60 27.21
CA PRO B 82 -11.96 -23.92 27.52
C PRO B 82 -12.61 -24.01 28.90
N TYR B 83 -12.11 -23.25 29.87
CA TYR B 83 -12.70 -23.20 31.20
C TYR B 83 -13.99 -22.38 31.22
N ALA B 84 -14.07 -21.38 30.35
CA ALA B 84 -15.29 -20.59 30.19
C ALA B 84 -16.41 -21.46 29.60
N VAL B 85 -16.09 -22.23 28.55
CA VAL B 85 -17.04 -23.16 27.95
C VAL B 85 -17.52 -24.18 28.99
N LYS B 86 -16.58 -24.68 29.79
CA LYS B 86 -16.88 -25.59 30.91
C LYS B 86 -17.91 -24.97 31.84
N ALA B 87 -17.74 -23.69 32.15
CA ALA B 87 -18.63 -22.95 33.04
C ALA B 87 -20.00 -22.63 32.42
N GLY B 88 -20.16 -22.89 31.13
CA GLY B 88 -21.44 -22.68 30.45
C GLY B 88 -21.50 -21.40 29.64
N VAL B 89 -20.35 -20.78 29.40
CA VAL B 89 -20.25 -19.53 28.65
C VAL B 89 -20.23 -19.82 27.15
N VAL B 90 -20.78 -18.89 26.37
CA VAL B 90 -20.50 -18.85 24.93
C VAL B 90 -19.39 -17.83 24.69
N VAL B 91 -18.29 -18.30 24.10
CA VAL B 91 -17.10 -17.49 23.87
C VAL B 91 -17.07 -16.98 22.43
N VAL B 92 -16.85 -15.67 22.29
CA VAL B 92 -16.54 -15.08 20.99
C VAL B 92 -15.07 -14.69 21.06
N ASP B 93 -14.24 -15.46 20.34
CA ASP B 93 -12.80 -15.32 20.43
C ASP B 93 -12.20 -14.50 19.29
N ASN B 94 -11.55 -13.40 19.65
CA ASN B 94 -10.81 -12.59 18.70
C ASN B 94 -9.31 -12.89 18.74
N THR B 95 -8.98 -14.17 18.58
CA THR B 95 -7.59 -14.58 18.36
C THR B 95 -7.61 -15.57 17.21
N SER B 96 -6.43 -15.90 16.71
CA SER B 96 -6.29 -16.88 15.63
C SER B 96 -6.32 -18.32 16.13
N TYR B 97 -6.29 -18.50 17.45
CA TYR B 97 -6.05 -19.81 18.06
C TYR B 97 -7.05 -20.92 17.69
N PHE B 98 -8.34 -20.62 17.76
CA PHE B 98 -9.37 -21.64 17.49
C PHE B 98 -9.89 -21.60 16.05
N ARG B 99 -9.37 -20.68 15.24
CA ARG B 99 -9.93 -20.38 13.91
C ARG B 99 -9.96 -21.55 12.93
N GLN B 100 -8.99 -22.45 13.03
CA GLN B 100 -8.87 -23.57 12.09
C GLN B 100 -9.34 -24.91 12.70
N ASN B 101 -9.84 -24.84 13.93
CA ASN B 101 -10.47 -25.98 14.58
C ASN B 101 -11.84 -26.25 13.94
N PRO B 102 -12.05 -27.50 13.47
CA PRO B 102 -13.32 -27.84 12.78
C PRO B 102 -14.57 -27.73 13.67
N ASP B 103 -14.38 -27.81 14.99
CA ASP B 103 -15.47 -27.66 15.96
C ASP B 103 -15.86 -26.18 16.21
N VAL B 104 -15.08 -25.26 15.66
CA VAL B 104 -15.26 -23.82 15.89
C VAL B 104 -15.69 -23.10 14.61
N PRO B 105 -16.90 -22.50 14.62
CA PRO B 105 -17.31 -21.64 13.51
C PRO B 105 -16.44 -20.39 13.42
N LEU B 106 -16.09 -20.00 12.20
CA LEU B 106 -15.29 -18.81 11.92
C LEU B 106 -16.16 -17.85 11.14
N VAL B 107 -16.67 -16.82 11.83
CA VAL B 107 -17.86 -16.13 11.33
C VAL B 107 -17.75 -14.63 11.02
N VAL B 108 -18.28 -14.27 9.85
CA VAL B 108 -18.66 -12.91 9.53
C VAL B 108 -20.18 -12.96 9.33
N PRO B 109 -20.96 -12.36 10.25
CA PRO B 109 -22.42 -12.51 10.26
C PRO B 109 -23.14 -12.30 8.93
N GLU B 110 -22.71 -11.32 8.14
CA GLU B 110 -23.30 -11.05 6.82
C GLU B 110 -23.05 -12.17 5.82
N VAL B 111 -22.05 -13.01 6.10
CA VAL B 111 -21.59 -14.00 5.14
C VAL B 111 -21.98 -15.43 5.52
N ASN B 112 -21.70 -15.81 6.77
CA ASN B 112 -21.92 -17.20 7.20
C ASN B 112 -22.53 -17.33 8.59
N ALA B 113 -23.55 -16.53 8.85
CA ALA B 113 -24.31 -16.61 10.09
C ALA B 113 -24.82 -18.02 10.34
N HIS B 114 -25.15 -18.74 9.27
CA HIS B 114 -25.66 -20.13 9.36
C HIS B 114 -24.73 -21.04 10.15
N ALA B 115 -23.42 -20.79 10.05
CA ALA B 115 -22.41 -21.59 10.74
C ALA B 115 -22.47 -21.50 12.26
N LEU B 116 -23.13 -20.46 12.79
CA LEU B 116 -23.30 -20.30 14.24
C LEU B 116 -24.15 -21.38 14.91
N ASP B 117 -25.11 -21.92 14.17
CA ASP B 117 -26.11 -22.84 14.74
C ASP B 117 -25.51 -24.07 15.41
N ALA B 118 -24.39 -24.55 14.86
CA ALA B 118 -23.74 -25.76 15.36
C ALA B 118 -22.53 -25.49 16.26
N HIS B 119 -22.49 -24.32 16.89
CA HIS B 119 -21.35 -23.95 17.73
C HIS B 119 -21.24 -24.84 18.99
N ASN B 120 -20.02 -24.99 19.48
CA ASN B 120 -19.73 -25.83 20.63
C ASN B 120 -19.19 -25.01 21.81
N GLY B 121 -19.59 -23.74 21.86
CA GLY B 121 -19.20 -22.86 22.95
C GLY B 121 -18.18 -21.81 22.57
N ILE B 122 -17.51 -21.99 21.44
CA ILE B 122 -16.54 -21.02 20.94
C ILE B 122 -16.86 -20.62 19.50
N ILE B 123 -16.92 -19.32 19.25
CA ILE B 123 -17.03 -18.79 17.90
C ILE B 123 -15.84 -17.86 17.66
N ALA B 124 -15.10 -18.13 16.60
CA ALA B 124 -13.94 -17.32 16.26
C ALA B 124 -14.30 -16.16 15.37
N CYS B 125 -13.82 -14.99 15.76
CA CYS B 125 -13.81 -13.82 14.92
C CYS B 125 -12.59 -13.95 14.01
N PRO B 126 -12.78 -13.79 12.68
CA PRO B 126 -11.67 -13.90 11.73
C PRO B 126 -10.67 -12.76 11.80
N ASN B 127 -9.55 -12.95 11.10
CA ASN B 127 -8.51 -11.93 10.95
C ASN B 127 -9.09 -10.64 10.37
N CYS B 128 -8.64 -9.50 10.89
CA CYS B 128 -9.23 -8.20 10.54
C CYS B 128 -9.22 -7.92 9.04
N SER B 129 -8.08 -8.12 8.39
CA SER B 129 -7.97 -7.87 6.96
C SER B 129 -8.85 -8.81 6.12
N THR B 130 -9.09 -10.01 6.63
CA THR B 130 -9.96 -10.99 5.95
C THR B 130 -11.43 -10.57 6.01
N ILE B 131 -11.87 -10.10 7.17
CA ILE B 131 -13.27 -9.73 7.38
C ILE B 131 -13.79 -8.74 6.33
N GLN B 132 -13.10 -7.60 6.20
CA GLN B 132 -13.54 -6.56 5.28
C GLN B 132 -13.51 -7.03 3.82
N MET B 133 -12.57 -7.93 3.51
CA MET B 133 -12.50 -8.50 2.18
C MET B 133 -13.69 -9.42 1.92
N MET B 134 -14.10 -10.17 2.94
CA MET B 134 -15.26 -11.05 2.85
C MET B 134 -16.57 -10.27 2.66
N VAL B 135 -16.73 -9.17 3.40
CA VAL B 135 -17.90 -8.29 3.24
C VAL B 135 -17.99 -7.72 1.82
N ALA B 136 -16.84 -7.32 1.27
CA ALA B 136 -16.78 -6.80 -0.10
C ALA B 136 -17.10 -7.85 -1.17
N LEU B 137 -16.60 -9.07 -0.97
CA LEU B 137 -16.59 -10.09 -2.01
C LEU B 137 -17.77 -11.08 -2.03
N GLU B 138 -18.37 -11.33 -0.86
CA GLU B 138 -19.54 -12.23 -0.80
C GLU B 138 -20.65 -11.90 -1.81
N PRO B 139 -21.11 -10.62 -1.89
CA PRO B 139 -22.15 -10.27 -2.85
C PRO B 139 -21.78 -10.53 -4.30
N VAL B 140 -20.47 -10.47 -4.62
CA VAL B 140 -19.97 -10.78 -5.94
C VAL B 140 -19.97 -12.31 -6.16
N ARG B 141 -19.48 -13.05 -5.16
CA ARG B 141 -19.49 -14.51 -5.19
C ARG B 141 -20.90 -15.10 -5.33
N GLN B 142 -21.88 -14.50 -4.65
CA GLN B 142 -23.26 -14.97 -4.70
C GLN B 142 -23.81 -15.04 -6.14
N LYS B 143 -23.43 -14.06 -6.95
CA LYS B 143 -24.03 -13.88 -8.27
C LYS B 143 -23.18 -14.42 -9.42
N TRP B 144 -21.86 -14.32 -9.31
CA TRP B 144 -20.97 -14.70 -10.40
C TRP B 144 -19.83 -15.63 -9.98
N GLY B 145 -19.78 -16.01 -8.70
CA GLY B 145 -18.75 -16.92 -8.19
C GLY B 145 -17.37 -16.30 -8.08
N LEU B 146 -16.45 -17.03 -7.45
CA LEU B 146 -15.06 -16.58 -7.28
C LEU B 146 -14.08 -17.70 -7.59
N ASP B 147 -13.20 -17.45 -8.56
CA ASP B 147 -12.17 -18.41 -8.95
C ASP B 147 -10.86 -18.12 -8.19
N ARG B 148 -10.45 -16.85 -8.19
CA ARG B 148 -9.21 -16.49 -7.51
C ARG B 148 -9.26 -15.08 -6.91
N ILE B 149 -8.46 -14.88 -5.86
CA ILE B 149 -8.26 -13.56 -5.24
C ILE B 149 -6.77 -13.29 -5.16
N ILE B 150 -6.38 -12.09 -5.57
CA ILE B 150 -5.03 -11.57 -5.33
C ILE B 150 -5.19 -10.24 -4.58
N VAL B 151 -4.59 -10.14 -3.41
CA VAL B 151 -4.82 -8.97 -2.55
C VAL B 151 -3.51 -8.40 -1.98
N SER B 152 -3.38 -7.09 -2.05
CA SER B 152 -2.26 -6.38 -1.44
C SER B 152 -2.81 -5.40 -0.43
N THR B 153 -2.35 -5.51 0.82
CA THR B 153 -2.97 -4.74 1.89
C THR B 153 -2.13 -3.52 2.28
N TYR B 154 -2.83 -2.57 2.90
CA TYR B 154 -2.24 -1.32 3.36
C TYR B 154 -2.72 -1.20 4.81
N GLN B 155 -2.02 -1.86 5.72
CA GLN B 155 -2.56 -2.06 7.07
C GLN B 155 -2.15 -1.03 8.11
N ALA B 156 -3.14 -0.61 8.88
CA ALA B 156 -2.94 0.35 9.96
C ALA B 156 -2.22 -0.28 11.14
N VAL B 157 -1.50 0.55 11.89
CA VAL B 157 -0.67 0.06 13.00
C VAL B 157 -1.45 -0.37 14.24
N SER B 158 -2.70 0.10 14.39
CA SER B 158 -3.54 -0.30 15.55
C SER B 158 -3.79 -1.80 15.62
N GLY B 159 -3.71 -2.45 14.46
CA GLY B 159 -3.87 -3.91 14.38
C GLY B 159 -2.85 -4.66 15.21
N ALA B 160 -1.67 -4.05 15.37
CA ALA B 160 -0.59 -4.61 16.18
C ALA B 160 -0.68 -4.22 17.66
N GLY B 161 -1.73 -3.47 18.02
CA GLY B 161 -1.96 -3.12 19.42
C GLY B 161 -1.62 -1.68 19.80
N MET B 162 -1.97 -1.32 21.03
CA MET B 162 -1.83 0.03 21.55
C MET B 162 -0.39 0.54 21.50
N GLY B 163 0.56 -0.35 21.80
CA GLY B 163 1.99 -0.03 21.78
C GLY B 163 2.53 0.32 20.41
N ALA B 164 1.98 -0.33 19.38
CA ALA B 164 2.34 -0.05 17.99
C ALA B 164 1.89 1.36 17.57
N ILE B 165 0.73 1.79 18.07
CA ILE B 165 0.25 3.16 17.84
C ILE B 165 1.24 4.16 18.44
N LEU B 166 1.59 3.97 19.71
CA LEU B 166 2.48 4.90 20.41
C LEU B 166 3.89 4.91 19.81
N GLU B 167 4.35 3.76 19.33
CA GLU B 167 5.65 3.66 18.67
C GLU B 167 5.66 4.43 17.35
N THR B 168 4.58 4.30 16.59
CA THR B 168 4.43 5.02 15.32
C THR B 168 4.44 6.54 15.55
N GLN B 169 3.63 6.99 16.52
CA GLN B 169 3.54 8.41 16.85
C GLN B 169 4.88 8.99 17.30
N ARG B 170 5.58 8.29 18.21
CA ARG B 170 6.91 8.71 18.65
C ARG B 170 7.90 8.87 17.49
N GLU B 171 7.94 7.86 16.62
CA GLU B 171 8.85 7.86 15.48
C GLU B 171 8.62 9.06 14.56
N LEU B 172 7.35 9.30 14.22
CA LEU B 172 6.98 10.40 13.35
C LEU B 172 7.36 11.74 13.97
N ARG B 173 7.10 11.88 15.27
CA ARG B 173 7.45 13.08 16.02
C ARG B 173 8.97 13.32 16.02
N GLU B 174 9.74 12.25 16.20
CA GLU B 174 11.21 12.34 16.19
C GLU B 174 11.78 12.73 14.83
N VAL B 175 11.12 12.33 13.75
CA VAL B 175 11.54 12.70 12.40
C VAL B 175 11.20 14.15 12.11
N LEU B 176 9.97 14.54 12.43
CA LEU B 176 9.44 15.86 12.08
C LEU B 176 9.91 16.98 13.01
N ASN B 177 10.06 16.66 14.30
CA ASN B 177 10.46 17.64 15.32
C ASN B 177 11.96 17.66 15.63
N ASP B 178 12.61 16.49 15.57
CA ASP B 178 14.02 16.38 15.96
C ASP B 178 15.01 16.25 14.80
N GLY B 179 14.49 16.09 13.59
CA GLY B 179 15.32 15.96 12.39
C GLY B 179 16.02 14.63 12.26
N VAL B 180 15.59 13.64 13.05
CA VAL B 180 16.09 12.27 12.96
C VAL B 180 15.66 11.68 11.62
N LYS B 181 16.62 11.12 10.89
CA LYS B 181 16.33 10.40 9.64
C LYS B 181 15.61 9.10 9.96
N PRO B 182 14.57 8.76 9.17
CA PRO B 182 13.85 7.51 9.39
C PRO B 182 14.78 6.28 9.48
N CYS B 183 15.83 6.28 8.66
CA CYS B 183 16.94 5.33 8.75
C CYS B 183 17.39 5.01 10.17
N ASP B 184 17.54 6.06 10.97
CA ASP B 184 18.24 5.98 12.26
C ASP B 184 17.31 5.79 13.45
N LEU B 185 16.01 5.71 13.19
CA LEU B 185 15.02 5.49 14.25
C LEU B 185 15.23 4.15 14.96
N HIS B 186 14.90 4.13 16.24
CA HIS B 186 14.95 2.91 17.04
C HIS B 186 13.55 2.34 17.17
N ALA B 187 13.39 1.06 16.85
CA ALA B 187 12.10 0.39 16.93
C ALA B 187 12.14 -0.82 17.87
N GLU B 188 11.01 -1.10 18.51
CA GLU B 188 10.91 -2.20 19.48
C GLU B 188 9.74 -3.16 19.21
N ILE B 189 8.75 -2.70 18.45
CA ILE B 189 7.56 -3.51 18.20
C ILE B 189 7.41 -3.95 16.74
N LEU B 190 7.20 -2.98 15.85
CA LEU B 190 6.96 -3.29 14.44
C LEU B 190 8.23 -3.80 13.75
N PRO B 191 8.09 -4.63 12.70
CA PRO B 191 6.90 -5.19 12.06
C PRO B 191 6.09 -6.19 12.91
N SER B 192 6.77 -7.03 13.69
CA SER B 192 6.08 -8.03 14.53
C SER B 192 6.69 -8.10 15.93
N GLY B 193 5.83 -7.97 16.94
CA GLY B 193 6.27 -7.92 18.34
C GLY B 193 7.11 -9.11 18.76
N GLY B 194 6.67 -10.30 18.36
CA GLY B 194 7.33 -11.54 18.75
C GLY B 194 8.55 -11.94 17.92
N ASP B 195 8.81 -11.17 16.86
CA ASP B 195 9.94 -11.49 15.98
C ASP B 195 11.24 -10.85 16.46
N LYS B 196 12.36 -11.29 15.89
CA LYS B 196 13.70 -11.00 16.42
C LYS B 196 14.20 -9.58 16.17
N LYS B 197 13.84 -9.01 15.02
CA LYS B 197 14.29 -7.69 14.62
C LYS B 197 13.11 -6.74 14.42
N HIS B 198 13.33 -5.47 14.75
CA HIS B 198 12.29 -4.46 14.71
C HIS B 198 12.73 -3.27 13.87
N TYR B 199 11.83 -2.79 13.01
CA TYR B 199 12.15 -1.71 12.05
C TYR B 199 11.21 -0.52 12.21
N PRO B 200 11.70 0.69 11.84
CA PRO B 200 10.84 1.87 11.86
C PRO B 200 9.70 1.76 10.86
N ILE B 201 8.55 2.34 11.20
CA ILE B 201 7.39 2.41 10.30
C ILE B 201 7.19 3.83 9.75
N ALA B 202 7.68 4.82 10.49
CA ALA B 202 7.57 6.22 10.11
C ALA B 202 8.14 6.45 8.70
N PHE B 203 7.29 6.99 7.82
CA PHE B 203 7.63 7.25 6.42
C PHE B 203 8.12 6.00 5.67
N ASN B 204 7.53 4.85 6.04
CA ASN B 204 7.99 3.55 5.56
C ASN B 204 6.79 2.66 5.21
N ALA B 205 7.07 1.58 4.49
CA ALA B 205 6.07 0.55 4.20
C ALA B 205 6.75 -0.78 4.45
N LEU B 206 6.27 -1.50 5.46
CA LEU B 206 6.90 -2.73 5.91
C LEU B 206 6.12 -3.94 5.40
N PRO B 207 6.72 -4.71 4.45
CA PRO B 207 6.06 -5.89 3.89
C PRO B 207 6.15 -7.10 4.82
N GLN B 208 5.82 -6.91 6.10
CA GLN B 208 5.75 -8.01 7.06
C GLN B 208 4.69 -7.70 8.10
N ILE B 209 3.71 -8.60 8.19
CA ILE B 209 2.74 -8.57 9.28
C ILE B 209 2.68 -9.99 9.83
N ASP B 210 2.83 -10.10 11.16
CA ASP B 210 3.05 -11.37 11.84
C ASP B 210 4.40 -11.97 11.39
N VAL B 211 4.68 -13.20 11.78
CA VAL B 211 5.97 -13.83 11.48
C VAL B 211 5.91 -14.65 10.19
N PHE B 212 7.07 -15.01 9.65
CA PHE B 212 7.16 -15.81 8.43
C PHE B 212 6.88 -17.30 8.66
N THR B 213 6.12 -17.90 7.74
CA THR B 213 5.89 -19.34 7.74
C THR B 213 6.94 -20.00 6.84
N ASP B 214 6.93 -21.33 6.78
CA ASP B 214 7.94 -22.06 5.99
C ASP B 214 7.79 -21.98 4.46
N ASN B 215 6.72 -21.35 3.97
CA ASN B 215 6.56 -21.16 2.53
C ASN B 215 6.90 -19.73 2.05
N ASP B 216 7.51 -18.95 2.95
CA ASP B 216 7.95 -17.57 2.69
C ASP B 216 6.83 -16.49 2.69
N TYR B 217 5.59 -16.93 2.88
CA TYR B 217 4.49 -16.02 3.17
C TYR B 217 4.42 -15.84 4.68
N THR B 218 3.91 -14.70 5.13
CA THR B 218 3.74 -14.48 6.57
C THR B 218 2.48 -15.18 7.08
N TYR B 219 2.36 -15.32 8.40
CA TYR B 219 1.14 -15.88 8.96
C TYR B 219 -0.07 -15.03 8.58
N GLU B 220 0.12 -13.71 8.49
CA GLU B 220 -0.97 -12.79 8.09
C GLU B 220 -1.46 -13.10 6.68
N GLU B 221 -0.53 -13.28 5.74
CA GLU B 221 -0.87 -13.59 4.37
C GLU B 221 -1.57 -14.96 4.28
N MET B 222 -1.02 -15.94 5.01
CA MET B 222 -1.61 -17.27 5.06
C MET B 222 -2.98 -17.32 5.74
N LYS B 223 -3.19 -16.45 6.73
CA LYS B 223 -4.50 -16.34 7.39
C LYS B 223 -5.58 -15.88 6.41
N MET B 224 -5.26 -14.88 5.59
CA MET B 224 -6.19 -14.41 4.57
C MET B 224 -6.57 -15.52 3.58
N THR B 225 -5.60 -16.37 3.27
CA THR B 225 -5.83 -17.51 2.40
C THR B 225 -6.75 -18.56 3.05
N LYS B 226 -6.34 -19.06 4.22
CA LYS B 226 -7.03 -20.17 4.89
C LYS B 226 -8.37 -19.77 5.48
N GLU B 227 -8.44 -18.56 6.00
CA GLU B 227 -9.70 -18.06 6.56
C GLU B 227 -10.76 -17.78 5.50
N THR B 228 -10.35 -17.24 4.35
CA THR B 228 -11.25 -17.04 3.21
C THR B 228 -11.92 -18.37 2.82
N LYS B 229 -11.11 -19.43 2.71
CA LYS B 229 -11.59 -20.74 2.31
C LYS B 229 -12.62 -21.29 3.30
N LYS B 230 -12.38 -21.05 4.60
CA LYS B 230 -13.29 -21.53 5.65
C LYS B 230 -14.58 -20.72 5.71
N ILE B 231 -14.46 -19.39 5.73
CA ILE B 231 -15.62 -18.49 5.79
C ILE B 231 -16.55 -18.72 4.60
N MET B 232 -15.97 -18.77 3.40
CA MET B 232 -16.76 -18.96 2.19
C MET B 232 -17.07 -20.44 1.91
N GLU B 233 -16.59 -21.32 2.79
CA GLU B 233 -16.84 -22.77 2.72
C GLU B 233 -16.53 -23.35 1.33
N ASP B 234 -15.34 -23.00 0.82
CA ASP B 234 -14.92 -23.37 -0.51
C ASP B 234 -13.39 -23.35 -0.55
N ASP B 235 -12.80 -24.52 -0.43
CA ASP B 235 -11.35 -24.69 -0.46
C ASP B 235 -10.77 -24.55 -1.88
N SER B 236 -11.65 -24.43 -2.88
CA SER B 236 -11.23 -24.30 -4.27
C SER B 236 -10.95 -22.85 -4.70
N ILE B 237 -11.25 -21.89 -3.83
CA ILE B 237 -10.93 -20.48 -4.13
C ILE B 237 -9.43 -20.23 -3.95
N ALA B 238 -8.76 -19.82 -5.02
CA ALA B 238 -7.34 -19.51 -4.98
C ALA B 238 -7.10 -18.13 -4.37
N VAL B 239 -6.33 -18.09 -3.28
CA VAL B 239 -6.05 -16.83 -2.58
C VAL B 239 -4.56 -16.66 -2.29
N SER B 240 -3.98 -15.58 -2.81
CA SER B 240 -2.61 -15.20 -2.46
C SER B 240 -2.56 -13.73 -2.04
N ALA B 241 -1.86 -13.48 -0.94
CA ALA B 241 -1.84 -12.15 -0.34
C ALA B 241 -0.42 -11.61 -0.16
N THR B 242 -0.31 -10.28 -0.19
CA THR B 242 0.87 -9.58 0.29
C THR B 242 0.37 -8.58 1.34
N CYS B 243 0.89 -8.70 2.56
CA CYS B 243 0.40 -7.86 3.64
C CYS B 243 1.47 -6.85 4.06
N VAL B 244 1.08 -5.58 4.04
CA VAL B 244 2.03 -4.48 4.24
C VAL B 244 1.52 -3.52 5.31
N ARG B 245 2.40 -3.20 6.27
CA ARG B 245 2.12 -2.15 7.23
C ARG B 245 2.54 -0.80 6.67
N ILE B 246 1.64 0.18 6.77
CA ILE B 246 1.92 1.56 6.36
C ILE B 246 1.66 2.53 7.54
N PRO B 247 2.12 3.80 7.44
CA PRO B 247 1.97 4.72 8.57
C PRO B 247 0.55 5.31 8.68
N VAL B 248 -0.41 4.45 9.01
CA VAL B 248 -1.79 4.82 9.27
C VAL B 248 -2.10 4.25 10.65
N LEU B 249 -2.79 5.03 11.49
CA LEU B 249 -3.07 4.55 12.85
C LEU B 249 -4.27 3.61 12.86
N SER B 250 -5.32 3.99 12.12
CA SER B 250 -6.53 3.18 12.08
C SER B 250 -7.15 3.08 10.69
N ALA B 251 -7.72 1.90 10.43
CA ALA B 251 -8.39 1.52 9.17
C ALA B 251 -7.45 0.90 8.17
N HIS B 252 -7.81 -0.32 7.74
CA HIS B 252 -7.06 -1.07 6.75
C HIS B 252 -7.61 -0.79 5.35
N SER B 253 -6.71 -0.64 4.39
CA SER B 253 -7.09 -0.50 2.99
C SER B 253 -6.56 -1.71 2.25
N GLU B 254 -7.24 -2.12 1.18
CA GLU B 254 -6.85 -3.30 0.43
C GLU B 254 -7.05 -3.09 -1.06
N SER B 255 -5.99 -3.31 -1.83
CA SER B 255 -6.14 -3.42 -3.28
C SER B 255 -6.46 -4.89 -3.60
N VAL B 256 -7.69 -5.12 -4.05
CA VAL B 256 -8.21 -6.47 -4.23
C VAL B 256 -8.48 -6.77 -5.70
N TYR B 257 -7.79 -7.79 -6.21
CA TYR B 257 -8.06 -8.32 -7.55
C TYR B 257 -8.77 -9.66 -7.41
N ILE B 258 -9.84 -9.82 -8.18
CA ILE B 258 -10.56 -11.08 -8.23
C ILE B 258 -10.73 -11.53 -9.66
N GLU B 259 -10.91 -12.83 -9.84
CA GLU B 259 -11.45 -13.37 -11.07
C GLU B 259 -12.68 -14.20 -10.73
N THR B 260 -13.80 -13.83 -11.33
CA THR B 260 -15.08 -14.49 -11.10
C THR B 260 -15.23 -15.75 -11.95
N LYS B 261 -16.24 -16.57 -11.64
CA LYS B 261 -16.53 -17.78 -12.42
C LYS B 261 -17.22 -17.42 -13.74
N GLU B 262 -18.12 -16.44 -13.69
CA GLU B 262 -18.79 -15.92 -14.88
C GLU B 262 -18.57 -14.41 -14.96
N VAL B 263 -18.58 -13.87 -16.18
CA VAL B 263 -18.37 -12.43 -16.39
C VAL B 263 -19.40 -11.61 -15.62
N ALA B 264 -18.91 -10.70 -14.79
CA ALA B 264 -19.74 -9.90 -13.93
C ALA B 264 -19.73 -8.44 -14.36
N PRO B 265 -20.80 -7.97 -15.05
CA PRO B 265 -20.85 -6.59 -15.52
C PRO B 265 -20.63 -5.61 -14.36
N ILE B 266 -19.76 -4.62 -14.58
CA ILE B 266 -19.29 -3.73 -13.52
C ILE B 266 -20.39 -2.95 -12.77
N GLU B 267 -21.37 -2.44 -13.52
CA GLU B 267 -22.48 -1.71 -12.87
C GLU B 267 -23.31 -2.62 -11.96
N GLU B 268 -23.46 -3.88 -12.36
CA GLU B 268 -24.16 -4.88 -11.55
C GLU B 268 -23.36 -5.27 -10.31
N VAL B 269 -22.04 -5.32 -10.45
CA VAL B 269 -21.13 -5.54 -9.32
C VAL B 269 -21.26 -4.41 -8.32
N LYS B 270 -21.24 -3.16 -8.81
CA LYS B 270 -21.42 -1.99 -7.95
C LYS B 270 -22.76 -2.08 -7.23
N ALA B 271 -23.82 -2.42 -7.95
CA ALA B 271 -25.17 -2.54 -7.40
C ALA B 271 -25.29 -3.66 -6.35
N ALA B 272 -24.61 -4.79 -6.59
CA ALA B 272 -24.65 -5.93 -5.68
C ALA B 272 -23.94 -5.62 -4.36
N ILE B 273 -22.81 -4.93 -4.44
CA ILE B 273 -22.05 -4.50 -3.26
C ILE B 273 -22.83 -3.46 -2.45
N ALA B 274 -23.40 -2.47 -3.15
CA ALA B 274 -24.27 -1.45 -2.54
C ALA B 274 -25.45 -2.07 -1.80
N ALA B 275 -25.99 -3.16 -2.35
CA ALA B 275 -27.17 -3.81 -1.78
C ALA B 275 -26.84 -4.77 -0.63
N PHE B 276 -25.56 -5.12 -0.49
CA PHE B 276 -25.12 -6.08 0.53
C PHE B 276 -24.97 -5.45 1.92
N PRO B 277 -25.58 -6.05 2.96
CA PRO B 277 -25.52 -5.47 4.31
C PRO B 277 -24.10 -5.39 4.87
N GLY B 278 -23.75 -4.25 5.44
CA GLY B 278 -22.41 -4.04 5.99
C GLY B 278 -21.42 -3.46 4.99
N ALA B 279 -21.78 -3.48 3.71
CA ALA B 279 -20.96 -2.92 2.64
C ALA B 279 -21.55 -1.60 2.14
N VAL B 280 -20.69 -0.61 1.90
CA VAL B 280 -21.14 0.65 1.34
C VAL B 280 -20.38 0.97 0.05
N LEU B 281 -21.11 1.28 -1.01
CA LEU B 281 -20.48 1.71 -2.25
C LEU B 281 -20.08 3.18 -2.17
N GLU B 282 -18.77 3.42 -2.28
CA GLU B 282 -18.23 4.77 -2.38
C GLU B 282 -17.39 4.81 -3.64
N ASP B 283 -18.06 5.07 -4.77
CA ASP B 283 -17.45 4.92 -6.08
C ASP B 283 -18.08 5.88 -7.07
N ASP B 284 -17.43 7.03 -7.23
CA ASP B 284 -17.88 8.06 -8.15
C ASP B 284 -16.62 8.82 -8.55
N VAL B 285 -15.89 8.26 -9.50
CA VAL B 285 -14.57 8.81 -9.88
C VAL B 285 -14.63 10.19 -10.53
N ALA B 286 -15.74 10.51 -11.19
CA ALA B 286 -15.96 11.85 -11.75
C ALA B 286 -15.89 12.93 -10.66
N HIS B 287 -16.19 12.54 -9.42
CA HIS B 287 -16.09 13.45 -8.29
C HIS B 287 -15.03 13.01 -7.28
N GLN B 288 -14.06 12.22 -7.75
CA GLN B 288 -12.99 11.68 -6.92
C GLN B 288 -13.50 11.02 -5.63
N ILE B 289 -14.55 10.21 -5.76
CA ILE B 289 -15.10 9.49 -4.60
C ILE B 289 -14.56 8.06 -4.61
N TYR B 290 -13.89 7.70 -3.52
CA TYR B 290 -13.36 6.36 -3.29
C TYR B 290 -13.18 6.21 -1.78
N PRO B 291 -13.17 4.97 -1.25
CA PRO B 291 -12.95 4.79 0.17
C PRO B 291 -11.60 5.34 0.63
N GLN B 292 -11.59 5.89 1.84
CA GLN B 292 -10.38 6.49 2.42
C GLN B 292 -10.29 6.08 3.88
N ALA B 293 -9.10 5.63 4.28
CA ALA B 293 -8.85 5.21 5.67
C ALA B 293 -9.37 6.22 6.70
N ILE B 294 -9.00 7.49 6.53
CA ILE B 294 -9.36 8.52 7.52
C ILE B 294 -10.89 8.74 7.62
N ASN B 295 -11.61 8.52 6.52
CA ASN B 295 -13.06 8.62 6.51
C ASN B 295 -13.76 7.41 7.13
N ALA B 296 -13.10 6.25 7.10
CA ALA B 296 -13.70 5.00 7.58
C ALA B 296 -13.62 4.80 9.08
N VAL B 297 -12.65 5.48 9.72
CA VAL B 297 -12.45 5.42 11.17
C VAL B 297 -13.73 5.78 11.90
N GLY B 298 -14.15 4.92 12.83
CA GLY B 298 -15.34 5.16 13.64
C GLY B 298 -16.62 4.54 13.09
N SER B 299 -16.57 4.02 11.88
CA SER B 299 -17.75 3.44 11.25
C SER B 299 -17.69 1.92 11.17
N ARG B 300 -18.85 1.29 11.40
CA ARG B 300 -18.99 -0.17 11.36
C ARG B 300 -19.00 -0.73 9.93
N ASP B 301 -19.19 0.14 8.95
CA ASP B 301 -19.34 -0.28 7.56
C ASP B 301 -18.00 -0.56 6.87
N THR B 302 -18.08 -1.32 5.78
CA THR B 302 -16.94 -1.60 4.91
C THR B 302 -17.20 -0.86 3.59
N PHE B 303 -16.21 -0.08 3.16
CA PHE B 303 -16.38 0.83 2.03
C PHE B 303 -15.62 0.33 0.81
N VAL B 304 -16.32 0.29 -0.33
CA VAL B 304 -15.78 -0.32 -1.55
C VAL B 304 -15.86 0.65 -2.72
N GLY B 305 -14.74 0.81 -3.41
CA GLY B 305 -14.66 1.70 -4.56
C GLY B 305 -13.58 1.28 -5.53
N ARG B 306 -13.21 2.21 -6.42
CA ARG B 306 -12.27 1.95 -7.52
C ARG B 306 -12.60 0.69 -8.32
N ILE B 307 -13.89 0.32 -8.38
CA ILE B 307 -14.34 -0.90 -9.05
C ILE B 307 -14.22 -0.75 -10.57
N ARG B 308 -13.52 -1.69 -11.20
CA ARG B 308 -13.24 -1.64 -12.63
C ARG B 308 -12.76 -3.00 -13.14
N LYS B 309 -13.10 -3.31 -14.39
CA LYS B 309 -12.68 -4.57 -15.00
C LYS B 309 -11.17 -4.55 -15.25
N ASP B 310 -10.53 -5.71 -15.18
CA ASP B 310 -9.13 -5.84 -15.57
C ASP B 310 -9.00 -5.38 -17.02
N LEU B 311 -7.83 -4.86 -17.38
CA LEU B 311 -7.61 -4.42 -18.76
C LEU B 311 -7.54 -5.57 -19.77
N ASP B 312 -7.33 -6.80 -19.30
CA ASP B 312 -7.10 -7.95 -20.18
C ASP B 312 -7.88 -9.21 -19.84
N ALA B 313 -7.86 -9.61 -18.57
CA ALA B 313 -8.61 -10.79 -18.12
C ALA B 313 -10.09 -10.47 -18.16
N GLU B 314 -10.85 -11.24 -18.93
CA GLU B 314 -12.27 -10.93 -19.14
C GLU B 314 -13.11 -11.03 -17.86
N LYS B 315 -12.72 -11.93 -16.95
CA LYS B 315 -13.44 -12.13 -15.69
C LYS B 315 -12.75 -11.46 -14.51
N GLY B 316 -11.68 -10.69 -14.78
CA GLY B 316 -10.91 -10.00 -13.75
C GLY B 316 -11.51 -8.66 -13.36
N ILE B 317 -11.54 -8.40 -12.04
CA ILE B 317 -12.03 -7.14 -11.50
C ILE B 317 -11.10 -6.65 -10.39
N HIS B 318 -10.74 -5.37 -10.45
CA HIS B 318 -10.00 -4.70 -9.37
C HIS B 318 -10.93 -3.84 -8.51
N MET B 319 -10.58 -3.68 -7.23
CA MET B 319 -11.34 -2.81 -6.33
C MET B 319 -10.49 -2.35 -5.16
N TRP B 320 -11.05 -1.42 -4.38
CA TRP B 320 -10.40 -0.82 -3.22
C TRP B 320 -11.34 -0.95 -2.03
N VAL B 321 -10.89 -1.65 -0.99
CA VAL B 321 -11.73 -1.95 0.17
C VAL B 321 -11.10 -1.38 1.44
N VAL B 322 -11.87 -0.61 2.20
CA VAL B 322 -11.40 0.03 3.43
C VAL B 322 -12.38 -0.19 4.58
N SER B 323 -11.87 -0.57 5.76
CA SER B 323 -12.68 -0.61 6.96
C SER B 323 -11.85 -0.33 8.21
N ASP B 324 -12.50 0.22 9.24
CA ASP B 324 -11.90 0.38 10.54
C ASP B 324 -11.54 -1.00 11.10
N ASN B 325 -10.24 -1.26 11.23
CA ASN B 325 -9.72 -2.57 11.62
C ASN B 325 -10.03 -2.97 13.05
N LEU B 326 -10.31 -1.98 13.89
CA LEU B 326 -10.68 -2.25 15.27
C LEU B 326 -12.20 -2.43 15.44
N LEU B 327 -12.97 -2.02 14.43
CA LEU B 327 -14.43 -2.16 14.46
C LEU B 327 -14.88 -3.39 13.68
N LYS B 328 -15.24 -3.25 12.41
CA LYS B 328 -15.59 -4.45 11.62
C LYS B 328 -14.45 -5.48 11.63
N GLY B 329 -13.21 -5.00 11.71
CA GLY B 329 -12.06 -5.88 11.76
C GLY B 329 -11.92 -6.68 13.05
N ALA B 330 -12.56 -6.22 14.13
CA ALA B 330 -12.45 -6.88 15.43
C ALA B 330 -13.68 -6.73 16.34
N ALA B 331 -13.77 -5.60 17.03
CA ALA B 331 -14.73 -5.39 18.11
C ALA B 331 -16.18 -5.41 17.65
N TRP B 332 -16.45 -4.78 16.51
CA TRP B 332 -17.81 -4.76 15.98
C TRP B 332 -18.20 -6.13 15.43
N ASN B 333 -17.30 -6.78 14.69
CA ASN B 333 -17.60 -8.15 14.24
C ASN B 333 -17.94 -9.09 15.41
N SER B 334 -17.19 -8.96 16.50
CA SER B 334 -17.40 -9.77 17.72
C SER B 334 -18.75 -9.48 18.40
N VAL B 335 -19.05 -8.19 18.59
CA VAL B 335 -20.33 -7.77 19.18
C VAL B 335 -21.51 -8.13 18.28
N GLN B 336 -21.33 -7.95 16.96
CA GLN B 336 -22.34 -8.35 15.99
C GLN B 336 -22.60 -9.86 16.03
N ILE B 337 -21.53 -10.65 16.21
CA ILE B 337 -21.66 -12.09 16.42
C ILE B 337 -22.52 -12.37 17.66
N ALA B 338 -22.22 -11.69 18.77
CA ALA B 338 -22.96 -11.84 20.02
C ALA B 338 -24.43 -11.46 19.86
N GLU B 339 -24.70 -10.41 19.08
CA GLU B 339 -26.07 -10.01 18.77
C GLU B 339 -26.78 -11.04 17.90
N THR B 340 -26.03 -11.67 16.99
CA THR B 340 -26.59 -12.70 16.12
C THR B 340 -26.88 -13.98 16.92
N LEU B 341 -26.00 -14.33 17.85
CA LEU B 341 -26.22 -15.44 18.77
C LEU B 341 -27.50 -15.25 19.57
N HIS B 342 -27.70 -14.03 20.08
CA HIS B 342 -28.91 -13.69 20.82
C HIS B 342 -30.18 -13.82 19.97
N GLU B 343 -30.11 -13.33 18.74
CA GLU B 343 -31.25 -13.39 17.81
C GLU B 343 -31.69 -14.81 17.52
N ARG B 344 -30.71 -15.69 17.39
CA ARG B 344 -30.92 -17.08 17.01
C ARG B 344 -31.13 -18.01 18.20
N GLY B 345 -31.17 -17.45 19.41
CA GLY B 345 -31.35 -18.24 20.63
C GLY B 345 -30.21 -19.21 20.88
N LEU B 346 -28.99 -18.75 20.63
CA LEU B 346 -27.81 -19.60 20.72
C LEU B 346 -26.92 -19.26 21.91
N VAL B 347 -27.40 -18.39 22.79
CA VAL B 347 -26.66 -18.06 24.02
C VAL B 347 -27.13 -18.98 25.14
N ARG B 348 -26.47 -20.13 25.25
CA ARG B 348 -26.76 -21.11 26.30
C ARG B 348 -25.54 -22.03 26.49
N PRO B 349 -25.42 -22.66 27.67
CA PRO B 349 -24.33 -23.60 27.94
C PRO B 349 -24.22 -24.73 26.91
N THR B 350 -23.00 -25.17 26.64
CA THR B 350 -22.74 -26.30 25.74
C THR B 350 -22.59 -27.58 26.58
N ALA B 351 -23.32 -28.61 26.19
CA ALA B 351 -23.35 -29.88 26.94
C ALA B 351 -22.05 -30.67 26.85
N GLU B 352 -21.59 -30.92 25.62
CA GLU B 352 -20.36 -31.69 25.40
C GLU B 352 -19.16 -30.77 25.24
N LEU B 353 -18.17 -30.95 26.13
CA LEU B 353 -16.91 -30.21 26.04
C LEU B 353 -16.00 -30.86 24.99
N LYS B 354 -15.54 -30.04 24.05
CA LYS B 354 -14.70 -30.53 22.95
C LYS B 354 -13.32 -29.86 22.93
N PHE B 355 -13.06 -29.04 23.94
CA PHE B 355 -11.81 -28.29 24.04
C PHE B 355 -11.07 -28.62 25.33
N GLU B 356 -9.83 -29.10 25.17
CA GLU B 356 -9.02 -29.57 26.30
C GLU B 356 -8.73 -28.49 27.32
N LEU B 357 -8.96 -28.82 28.59
CA LEU B 357 -8.60 -27.95 29.70
C LEU B 357 -7.09 -28.00 29.92
N LYS B 358 -6.47 -26.83 29.91
CA LYS B 358 -5.01 -26.72 30.04
C LYS B 358 -4.62 -26.03 31.35
#